data_5PGX
#
_entry.id   5PGX
#
_cell.length_a   74.600
_cell.length_b   93.300
_cell.length_c   168.500
_cell.angle_alpha   90.000
_cell.angle_beta   90.000
_cell.angle_gamma   90.000
#
_symmetry.space_group_name_H-M   'P 21 21 21'
#
loop_
_entity.id
_entity.type
_entity.pdbx_description
1 polymer 'Corticosteroid 11-beta-dehydrogenase isozyme 1'
2 non-polymer 'NADP NICOTINAMIDE-ADENINE-DINUCLEOTIDE PHOSPHATE'
3 non-polymer 2-(2-BENZYL-6-HYDROXYADAMANTAN-2-YL)-1-(3-HYDROXYAZETIDIN-1-YL)ETHAN-1-ONE
4 water water
#
_entity_poly.entity_id   1
_entity_poly.type   'polypeptide(L)'
_entity_poly.pdbx_seq_one_letter_code
;GSHMASMTGGQQMGRGSNEEFRPEMLQGKKVIVTGASKGIGREMAYHLAKMGAHVVVTARSKETLQKVVSHCLELGAASA
HYIAGTMEDMTFAEQFVAQAGKLMGGLDMLILNHITNTSLNLFHDDIHHVRKSMEVNFLSYVVLTVAALPMLKQSNGSIV
VVSSLAGKVAYPMVAAYSASKFALDGFFSSIRKEYSVSRVNVSITLCVLGLIDTETAMKAVSGIVHMQAAPKEECALEII
KGGALRQEEVYYDSSRWTTLLIRNPCRKILEELYSTSYNMDRFINK
;
_entity_poly.pdbx_strand_id   A,B,D,E
#
# COMPACT_ATOMS: atom_id res chain seq x y z
N GLU A 20 21.85 -9.99 -11.76
CA GLU A 20 22.72 -10.77 -10.88
C GLU A 20 24.15 -10.19 -10.84
N PHE A 21 24.69 -9.99 -9.63
CA PHE A 21 26.02 -9.43 -9.40
C PHE A 21 27.18 -10.36 -9.73
N ARG A 22 28.28 -9.78 -10.24
CA ARG A 22 29.54 -10.44 -10.55
C ARG A 22 30.71 -9.60 -9.98
N PRO A 23 31.70 -10.20 -9.26
CA PRO A 23 32.83 -9.39 -8.74
C PRO A 23 33.65 -8.69 -9.83
N GLU A 24 33.65 -9.30 -11.05
CA GLU A 24 34.35 -8.82 -12.25
C GLU A 24 33.75 -7.52 -12.79
N MET A 25 32.55 -7.12 -12.29
CA MET A 25 31.87 -5.88 -12.67
C MET A 25 32.68 -4.67 -12.18
N LEU A 26 33.46 -4.86 -11.09
CA LEU A 26 34.30 -3.82 -10.47
C LEU A 26 35.78 -3.89 -10.87
N GLN A 27 36.17 -4.93 -11.63
CA GLN A 27 37.52 -5.13 -12.14
C GLN A 27 37.94 -3.96 -13.04
N GLY A 28 38.93 -3.18 -12.59
CA GLY A 28 39.49 -2.03 -13.29
C GLY A 28 38.61 -0.79 -13.26
N LYS A 29 37.65 -0.74 -12.33
CA LYS A 29 36.74 0.40 -12.22
C LYS A 29 37.32 1.48 -11.31
N LYS A 30 37.12 2.75 -11.69
CA LYS A 30 37.62 3.92 -10.96
C LYS A 30 36.55 4.32 -9.94
N VAL A 31 36.84 4.12 -8.64
CA VAL A 31 35.88 4.34 -7.55
C VAL A 31 36.39 5.31 -6.49
N ILE A 32 35.50 6.22 -6.03
CA ILE A 32 35.77 7.12 -4.92
C ILE A 32 35.00 6.54 -3.70
N VAL A 33 35.67 6.44 -2.53
CA VAL A 33 35.03 5.98 -1.30
C VAL A 33 35.26 7.03 -0.21
N THR A 34 34.20 7.74 0.21
CA THR A 34 34.32 8.74 1.27
C THR A 34 34.10 8.03 2.59
N GLY A 35 34.60 8.62 3.69
CA GLY A 35 34.53 8.06 5.04
C GLY A 35 35.05 6.63 5.07
N ALA A 36 36.18 6.41 4.37
CA ALA A 36 36.79 5.09 4.21
C ALA A 36 38.04 4.81 5.07
N SER A 37 38.18 5.53 6.20
CA SER A 37 39.27 5.34 7.16
C SER A 37 38.94 4.13 8.05
N LYS A 38 37.64 3.95 8.37
CA LYS A 38 37.12 2.88 9.20
C LYS A 38 35.70 2.48 8.78
N GLY A 39 35.07 1.63 9.59
CA GLY A 39 33.72 1.13 9.40
C GLY A 39 33.41 0.56 8.04
N ILE A 40 32.17 0.81 7.56
CA ILE A 40 31.63 0.35 6.28
C ILE A 40 32.48 0.83 5.10
N GLY A 41 32.91 2.09 5.15
CA GLY A 41 33.76 2.72 4.14
C GLY A 41 35.05 1.97 3.84
N ARG A 42 35.76 1.57 4.91
CA ARG A 42 37.02 0.82 4.85
C ARG A 42 36.77 -0.58 4.25
N GLU A 43 35.68 -1.24 4.71
CA GLU A 43 35.27 -2.57 4.22
C GLU A 43 34.92 -2.52 2.73
N MET A 44 34.31 -1.42 2.26
CA MET A 44 33.96 -1.23 0.84
C MET A 44 35.24 -1.13 0.01
N ALA A 45 36.21 -0.31 0.48
CA ALA A 45 37.53 -0.13 -0.13
C ALA A 45 38.26 -1.49 -0.23
N TYR A 46 38.21 -2.31 0.85
CA TYR A 46 38.79 -3.64 0.93
C TYR A 46 38.15 -4.57 -0.12
N HIS A 47 36.78 -4.63 -0.17
CA HIS A 47 36.04 -5.44 -1.14
C HIS A 47 36.40 -5.05 -2.58
N LEU A 48 36.46 -3.73 -2.87
CA LEU A 48 36.80 -3.17 -4.17
C LEU A 48 38.22 -3.51 -4.59
N ALA A 49 39.13 -3.50 -3.60
CA ALA A 49 40.53 -3.86 -3.79
C ALA A 49 40.62 -5.30 -4.31
N LYS A 50 39.93 -6.27 -3.64
CA LYS A 50 39.87 -7.69 -4.01
C LYS A 50 39.34 -7.91 -5.42
N MET A 51 38.39 -7.05 -5.85
CA MET A 51 37.75 -7.07 -7.18
C MET A 51 38.65 -6.52 -8.30
N GLY A 52 39.78 -5.93 -7.94
CA GLY A 52 40.75 -5.37 -8.88
C GLY A 52 40.40 -3.99 -9.36
N ALA A 53 39.74 -3.20 -8.51
CA ALA A 53 39.30 -1.83 -8.82
C ALA A 53 40.34 -0.80 -8.42
N HIS A 54 40.36 0.34 -9.13
CA HIS A 54 41.20 1.49 -8.82
C HIS A 54 40.41 2.25 -7.74
N VAL A 55 41.05 2.59 -6.62
CA VAL A 55 40.34 3.27 -5.54
C VAL A 55 41.03 4.55 -5.05
N VAL A 56 40.22 5.52 -4.61
CA VAL A 56 40.65 6.76 -3.98
C VAL A 56 39.79 6.92 -2.73
N VAL A 57 40.42 6.80 -1.55
CA VAL A 57 39.75 6.90 -0.24
C VAL A 57 39.97 8.25 0.41
N THR A 58 39.00 8.71 1.21
CA THR A 58 39.07 9.99 1.92
C THR A 58 38.39 9.94 3.27
N ALA A 59 38.89 10.81 4.19
CA ALA A 59 38.50 11.04 5.59
C ALA A 59 39.45 12.16 6.08
N ARG A 60 39.39 12.56 7.37
CA ARG A 60 40.29 13.61 7.89
C ARG A 60 41.69 13.11 8.24
N SER A 61 41.79 11.95 8.93
CA SER A 61 43.05 11.43 9.48
C SER A 61 44.06 10.83 8.49
N LYS A 62 45.26 11.45 8.45
CA LYS A 62 46.43 11.09 7.66
C LYS A 62 47.30 10.14 8.50
N GLU A 63 46.86 8.88 8.62
CA GLU A 63 47.51 7.78 9.34
C GLU A 63 46.67 6.56 9.05
N THR A 64 45.39 6.65 9.39
CA THR A 64 44.46 5.55 9.21
C THR A 64 44.13 5.41 7.70
N LEU A 65 44.16 6.52 6.92
CA LEU A 65 43.96 6.47 5.46
C LEU A 65 45.20 5.84 4.79
N GLN A 66 46.40 6.00 5.41
CA GLN A 66 47.67 5.41 4.95
C GLN A 66 47.66 3.91 5.22
N LYS A 67 47.10 3.51 6.36
CA LYS A 67 47.01 2.10 6.74
C LYS A 67 45.95 1.37 5.92
N VAL A 68 44.94 2.12 5.42
CA VAL A 68 43.86 1.58 4.59
C VAL A 68 44.35 1.35 3.17
N VAL A 69 45.10 2.32 2.61
CA VAL A 69 45.66 2.26 1.25
C VAL A 69 46.63 1.07 1.10
N SER A 70 47.48 0.84 2.12
CA SER A 70 48.42 -0.28 2.12
C SER A 70 47.72 -1.64 2.19
N HIS A 71 46.69 -1.80 3.06
CA HIS A 71 45.91 -3.05 3.16
C HIS A 71 45.11 -3.28 1.84
N CYS A 72 44.61 -2.19 1.18
CA CYS A 72 43.92 -2.22 -0.13
C CYS A 72 44.85 -2.84 -1.18
N LEU A 73 46.08 -2.29 -1.29
CA LEU A 73 47.12 -2.70 -2.23
C LEU A 73 47.55 -4.16 -2.04
N GLU A 74 47.53 -4.64 -0.79
CA GLU A 74 47.89 -6.02 -0.43
C GLU A 74 46.81 -7.04 -0.86
N LEU A 75 45.54 -6.58 -0.92
CA LEU A 75 44.39 -7.38 -1.31
C LEU A 75 44.22 -7.53 -2.83
N GLY A 76 44.98 -6.73 -3.59
CA GLY A 76 44.99 -6.78 -5.05
C GLY A 76 44.27 -5.65 -5.78
N ALA A 77 44.31 -4.41 -5.24
CA ALA A 77 43.71 -3.23 -5.86
C ALA A 77 44.53 -2.81 -7.10
N ALA A 78 43.87 -2.28 -8.15
CA ALA A 78 44.53 -1.85 -9.39
C ALA A 78 45.45 -0.63 -9.20
N SER A 79 45.08 0.24 -8.25
CA SER A 79 45.77 1.45 -7.78
C SER A 79 45.03 1.95 -6.55
N ALA A 80 45.77 2.34 -5.52
CA ALA A 80 45.16 2.82 -4.27
C ALA A 80 45.77 4.15 -3.85
N HIS A 81 44.91 5.11 -3.52
CA HIS A 81 45.34 6.45 -3.12
C HIS A 81 44.43 7.04 -2.02
N TYR A 82 44.93 8.06 -1.33
CA TYR A 82 44.17 8.77 -0.30
C TYR A 82 44.43 10.26 -0.43
N ILE A 83 43.42 11.07 -0.06
CA ILE A 83 43.49 12.54 -0.01
C ILE A 83 42.77 12.89 1.29
N ALA A 84 43.51 13.25 2.34
CA ALA A 84 42.93 13.57 3.64
C ALA A 84 42.37 14.99 3.70
N GLY A 85 41.18 15.12 4.30
CA GLY A 85 40.49 16.39 4.47
C GLY A 85 39.17 16.31 5.19
N THR A 86 38.60 17.48 5.51
CA THR A 86 37.34 17.57 6.25
C THR A 86 36.19 17.95 5.31
N MET A 87 35.11 17.17 5.35
CA MET A 87 33.96 17.40 4.48
C MET A 87 33.09 18.59 4.92
N GLU A 88 33.53 19.33 5.98
CA GLU A 88 32.88 20.57 6.43
C GLU A 88 33.24 21.70 5.46
N ASP A 89 34.43 21.60 4.85
CA ASP A 89 34.97 22.55 3.88
C ASP A 89 34.52 22.14 2.45
N MET A 90 33.63 22.96 1.87
CA MET A 90 33.06 22.71 0.55
C MET A 90 34.09 22.85 -0.58
N THR A 91 35.13 23.67 -0.36
CA THR A 91 36.22 23.86 -1.29
C THR A 91 37.07 22.57 -1.36
N PHE A 92 37.33 21.92 -0.20
CA PHE A 92 38.07 20.68 -0.16
C PHE A 92 37.33 19.57 -0.94
N ALA A 93 36.02 19.38 -0.65
CA ALA A 93 35.16 18.37 -1.29
C ALA A 93 35.21 18.48 -2.82
N GLU A 94 35.03 19.71 -3.33
CA GLU A 94 35.07 20.03 -4.75
C GLU A 94 36.45 19.76 -5.38
N GLN A 95 37.53 20.11 -4.66
CA GLN A 95 38.91 19.92 -5.12
C GLN A 95 39.37 18.46 -5.08
N PHE A 96 38.87 17.68 -4.10
CA PHE A 96 39.18 16.27 -3.91
C PHE A 96 38.76 15.43 -5.12
N VAL A 97 37.53 15.64 -5.62
CA VAL A 97 36.96 14.94 -6.77
C VAL A 97 37.82 15.16 -8.04
N ALA A 98 38.19 16.42 -8.31
CA ALA A 98 39.03 16.79 -9.45
C ALA A 98 40.41 16.12 -9.35
N GLN A 99 40.97 16.04 -8.13
CA GLN A 99 42.27 15.43 -7.83
C GLN A 99 42.22 13.90 -7.89
N ALA A 100 41.15 13.28 -7.36
CA ALA A 100 40.98 11.84 -7.38
C ALA A 100 40.77 11.34 -8.81
N GLY A 101 40.03 12.14 -9.59
CA GLY A 101 39.76 11.90 -11.00
C GLY A 101 41.02 12.04 -11.85
N LYS A 102 41.96 12.90 -11.39
CA LYS A 102 43.25 13.15 -12.05
C LYS A 102 44.17 11.94 -11.90
N LEU A 103 44.18 11.32 -10.72
CA LEU A 103 45.04 10.17 -10.46
C LEU A 103 44.54 8.91 -11.18
N MET A 104 43.22 8.77 -11.35
CA MET A 104 42.63 7.57 -11.97
C MET A 104 42.27 7.74 -13.46
N GLY A 105 42.35 8.98 -13.95
CA GLY A 105 42.01 9.31 -15.34
C GLY A 105 40.55 9.02 -15.62
N GLY A 106 39.67 9.53 -14.74
CA GLY A 106 38.23 9.32 -14.82
C GLY A 106 37.61 8.78 -13.55
N LEU A 107 36.30 8.47 -13.61
CA LEU A 107 35.51 7.97 -12.49
C LEU A 107 34.30 7.17 -12.96
N ASP A 108 34.10 5.97 -12.39
CA ASP A 108 32.98 5.08 -12.71
C ASP A 108 31.96 5.01 -11.58
N MET A 109 32.42 5.12 -10.33
CA MET A 109 31.52 5.05 -9.17
C MET A 109 31.92 6.02 -8.08
N LEU A 110 30.93 6.77 -7.56
CA LEU A 110 31.10 7.73 -6.47
C LEU A 110 30.33 7.23 -5.25
N ILE A 111 31.07 6.71 -4.24
CA ILE A 111 30.46 6.19 -3.00
C ILE A 111 30.51 7.24 -1.91
N LEU A 112 29.35 7.80 -1.60
CA LEU A 112 29.18 8.85 -0.58
C LEU A 112 28.73 8.16 0.70
N ASN A 113 29.67 7.99 1.65
CA ASN A 113 29.50 7.25 2.90
C ASN A 113 29.70 8.07 4.19
N HIS A 114 30.60 9.08 4.18
CA HIS A 114 30.92 9.88 5.37
C HIS A 114 29.73 10.54 6.09
N ILE A 115 29.88 10.74 7.41
CA ILE A 115 28.95 11.42 8.33
C ILE A 115 29.76 12.16 9.40
N THR A 116 29.20 13.26 9.95
CA THR A 116 29.82 13.97 11.07
C THR A 116 29.62 13.02 12.28
N ASN A 117 30.46 13.13 13.33
CA ASN A 117 30.29 12.28 14.50
C ASN A 117 28.95 12.55 15.21
N THR A 118 28.18 11.48 15.51
CA THR A 118 26.85 11.58 16.12
C THR A 118 26.70 10.65 17.33
N SER A 119 25.95 11.09 18.34
CA SER A 119 25.60 10.27 19.49
C SER A 119 24.10 10.34 19.72
N LEU A 120 23.56 9.35 20.44
CA LEU A 120 22.14 9.28 20.79
C LEU A 120 21.89 10.29 21.91
N ASN A 121 20.99 11.25 21.66
CA ASN A 121 20.59 12.30 22.62
C ASN A 121 19.27 12.90 22.21
N LEU A 122 18.45 13.29 23.20
CA LEU A 122 17.18 13.95 22.95
C LEU A 122 17.48 15.36 22.47
N PHE A 123 16.68 15.86 21.52
CA PHE A 123 16.88 17.20 21.01
C PHE A 123 16.35 18.25 21.98
N HIS A 124 17.14 19.29 22.20
CA HIS A 124 16.78 20.35 23.11
C HIS A 124 17.04 21.73 22.50
N ASP A 125 18.32 22.06 22.20
CA ASP A 125 18.73 23.35 21.65
C ASP A 125 20.07 23.30 20.86
N ASP A 126 20.54 22.09 20.50
CA ASP A 126 21.80 21.92 19.77
C ASP A 126 21.65 22.17 18.23
N ILE A 127 21.47 23.45 17.86
CA ILE A 127 21.31 23.89 16.47
C ILE A 127 22.61 23.70 15.67
N HIS A 128 23.78 23.81 16.35
CA HIS A 128 25.10 23.63 15.76
C HIS A 128 25.27 22.20 15.25
N HIS A 129 24.71 21.22 15.98
CA HIS A 129 24.73 19.82 15.55
C HIS A 129 23.75 19.60 14.39
N VAL A 130 22.61 20.32 14.36
CA VAL A 130 21.62 20.23 13.27
C VAL A 130 22.22 20.77 11.98
N ARG A 131 22.85 21.97 12.03
CA ARG A 131 23.52 22.62 10.91
C ARG A 131 24.68 21.77 10.38
N LYS A 132 25.57 21.31 11.28
CA LYS A 132 26.74 20.48 10.94
C LYS A 132 26.31 19.15 10.31
N SER A 133 25.23 18.54 10.86
CA SER A 133 24.67 17.31 10.32
C SER A 133 24.19 17.54 8.88
N MET A 134 23.57 18.70 8.59
CA MET A 134 23.11 19.04 7.23
C MET A 134 24.28 19.30 6.29
N GLU A 135 25.32 20.01 6.78
CA GLU A 135 26.53 20.38 6.02
C GLU A 135 27.38 19.16 5.62
N VAL A 136 27.66 18.26 6.59
CA VAL A 136 28.51 17.10 6.33
C VAL A 136 27.73 15.93 5.75
N ASN A 137 26.59 15.54 6.35
CA ASN A 137 25.83 14.37 5.90
C ASN A 137 25.01 14.60 4.63
N PHE A 138 24.78 15.85 4.21
CA PHE A 138 23.96 16.11 3.03
C PHE A 138 24.60 17.10 2.03
N LEU A 139 24.82 18.36 2.45
CA LEU A 139 25.37 19.44 1.60
C LEU A 139 26.65 19.05 0.86
N SER A 140 27.60 18.41 1.57
CA SER A 140 28.86 17.98 0.98
C SER A 140 28.67 16.90 -0.07
N TYR A 141 27.65 16.02 0.12
CA TYR A 141 27.28 14.95 -0.82
C TYR A 141 26.86 15.58 -2.15
N VAL A 142 26.09 16.70 -2.08
CA VAL A 142 25.58 17.46 -3.23
C VAL A 142 26.76 18.12 -3.95
N VAL A 143 27.70 18.73 -3.19
CA VAL A 143 28.91 19.39 -3.72
C VAL A 143 29.77 18.35 -4.46
N LEU A 144 29.99 17.17 -3.83
CA LEU A 144 30.74 16.05 -4.40
C LEU A 144 30.11 15.53 -5.70
N THR A 145 28.77 15.52 -5.76
CA THR A 145 28.00 15.07 -6.94
C THR A 145 28.17 16.05 -8.10
N VAL A 146 28.06 17.37 -7.85
CA VAL A 146 28.22 18.40 -8.87
C VAL A 146 29.59 18.28 -9.55
N ALA A 147 30.66 18.16 -8.74
CA ALA A 147 32.06 18.04 -9.16
C ALA A 147 32.38 16.73 -9.89
N ALA A 148 31.63 15.65 -9.62
CA ALA A 148 31.87 14.33 -10.22
C ALA A 148 31.04 14.04 -11.46
N LEU A 149 29.89 14.74 -11.61
CA LEU A 149 28.94 14.59 -12.70
C LEU A 149 29.58 14.57 -14.11
N PRO A 150 30.47 15.53 -14.51
CA PRO A 150 31.06 15.43 -15.85
C PRO A 150 31.77 14.11 -16.15
N MET A 151 32.57 13.61 -15.20
CA MET A 151 33.33 12.36 -15.33
C MET A 151 32.43 11.14 -15.38
N LEU A 152 31.37 11.13 -14.53
CA LEU A 152 30.41 10.06 -14.45
C LEU A 152 29.54 10.04 -15.68
N LYS A 153 29.29 11.22 -16.29
CA LYS A 153 28.52 11.35 -17.54
C LYS A 153 29.29 10.68 -18.67
N GLN A 154 30.64 10.85 -18.67
CA GLN A 154 31.58 10.29 -19.63
C GLN A 154 31.61 8.76 -19.60
N SER A 155 31.60 8.16 -18.39
CA SER A 155 31.68 6.71 -18.20
C SER A 155 30.32 6.01 -17.99
N ASN A 156 29.20 6.79 -17.98
CA ASN A 156 27.84 6.33 -17.68
C ASN A 156 27.88 5.66 -16.31
N GLY A 157 28.47 6.41 -15.37
CA GLY A 157 28.77 5.99 -14.01
C GLY A 157 27.61 5.88 -13.07
N SER A 158 27.95 5.67 -11.78
CA SER A 158 27.01 5.46 -10.70
C SER A 158 27.33 6.32 -9.48
N ILE A 159 26.28 6.77 -8.81
CA ILE A 159 26.36 7.52 -7.57
C ILE A 159 25.73 6.61 -6.51
N VAL A 160 26.49 6.32 -5.44
CA VAL A 160 26.05 5.50 -4.32
C VAL A 160 25.90 6.42 -3.10
N VAL A 161 24.69 6.47 -2.54
CA VAL A 161 24.35 7.29 -1.37
C VAL A 161 24.03 6.37 -0.22
N VAL A 162 24.91 6.33 0.79
CA VAL A 162 24.77 5.50 1.97
C VAL A 162 23.87 6.24 2.97
N SER A 163 22.64 5.75 3.14
CA SER A 163 21.65 6.33 4.06
C SER A 163 21.39 5.39 5.26
N SER A 164 20.16 5.41 5.83
CA SER A 164 19.77 4.64 7.01
C SER A 164 18.26 4.40 7.01
N LEU A 165 17.78 3.51 7.91
CA LEU A 165 16.35 3.29 8.15
C LEU A 165 15.78 4.60 8.72
N ALA A 166 16.59 5.37 9.50
CA ALA A 166 16.27 6.68 10.07
C ALA A 166 16.14 7.73 8.95
N GLY A 167 16.44 7.31 7.73
CA GLY A 167 16.29 8.12 6.53
C GLY A 167 15.05 7.75 5.75
N LYS A 168 14.19 6.90 6.35
CA LYS A 168 12.92 6.41 5.79
C LYS A 168 11.79 6.48 6.84
N VAL A 169 12.08 6.09 8.09
CA VAL A 169 11.11 6.12 9.20
C VAL A 169 11.68 6.94 10.35
N ALA A 170 10.82 7.39 11.28
CA ALA A 170 11.22 8.21 12.41
C ALA A 170 11.62 7.42 13.66
N TYR A 171 12.71 7.86 14.30
CA TYR A 171 13.23 7.26 15.53
C TYR A 171 13.58 8.39 16.48
N PRO A 172 13.37 8.24 17.80
CA PRO A 172 13.84 9.30 18.73
C PRO A 172 15.36 9.25 18.88
N MET A 173 15.95 10.31 19.51
CA MET A 173 17.38 10.46 19.90
C MET A 173 18.40 10.70 18.76
N VAL A 174 17.91 10.80 17.51
CA VAL A 174 18.72 11.03 16.31
C VAL A 174 18.02 12.04 15.38
N ALA A 175 17.38 13.08 15.95
CA ALA A 175 16.60 14.05 15.17
C ALA A 175 17.37 14.75 14.04
N ALA A 176 18.59 15.27 14.34
CA ALA A 176 19.43 15.94 13.35
C ALA A 176 19.92 14.98 12.28
N TYR A 177 20.25 13.75 12.70
CA TYR A 177 20.76 12.69 11.86
C TYR A 177 19.67 12.23 10.88
N SER A 178 18.44 12.09 11.36
CA SER A 178 17.30 11.67 10.55
C SER A 178 16.97 12.73 9.47
N ALA A 179 17.10 14.03 9.82
CA ALA A 179 16.83 15.16 8.92
C ALA A 179 17.70 15.10 7.72
N SER A 180 19.03 14.96 7.96
CA SER A 180 20.08 14.88 6.94
C SER A 180 19.90 13.70 6.01
N LYS A 181 19.60 12.52 6.59
CA LYS A 181 19.37 11.27 5.87
C LYS A 181 18.11 11.34 5.05
N PHE A 182 17.05 12.00 5.57
CA PHE A 182 15.78 12.24 4.86
C PHE A 182 16.01 13.16 3.65
N ALA A 183 16.78 14.25 3.83
CA ALA A 183 17.16 15.19 2.75
C ALA A 183 17.78 14.42 1.59
N LEU A 184 18.72 13.51 1.88
CA LEU A 184 19.37 12.69 0.86
C LEU A 184 18.33 12.03 -0.06
N ASP A 185 17.29 11.41 0.54
CA ASP A 185 16.19 10.76 -0.21
C ASP A 185 15.48 11.76 -1.13
N GLY A 186 15.06 12.89 -0.57
CA GLY A 186 14.39 13.96 -1.29
C GLY A 186 15.21 14.53 -2.43
N PHE A 187 16.47 14.90 -2.16
CA PHE A 187 17.35 15.46 -3.18
C PHE A 187 17.76 14.46 -4.26
N PHE A 188 18.31 13.29 -3.86
CA PHE A 188 18.80 12.32 -4.83
C PHE A 188 17.71 11.58 -5.63
N SER A 189 16.51 11.35 -5.05
CA SER A 189 15.42 10.69 -5.78
C SER A 189 14.81 11.65 -6.80
N SER A 190 14.85 12.98 -6.51
CA SER A 190 14.37 14.04 -7.39
C SER A 190 15.26 14.16 -8.64
N ILE A 191 16.61 14.18 -8.45
CA ILE A 191 17.56 14.27 -9.56
C ILE A 191 17.60 12.97 -10.38
N ARG A 192 17.19 11.80 -9.80
CA ARG A 192 17.11 10.54 -10.55
C ARG A 192 16.02 10.68 -11.62
N LYS A 193 14.87 11.28 -11.25
CA LYS A 193 13.74 11.57 -12.12
C LYS A 193 14.10 12.61 -13.16
N GLU A 194 15.08 13.50 -12.85
CA GLU A 194 15.60 14.50 -13.79
C GLU A 194 16.55 13.85 -14.80
N TYR A 195 17.41 12.91 -14.33
CA TYR A 195 18.36 12.20 -15.18
C TYR A 195 17.62 11.24 -16.13
N SER A 196 16.48 10.71 -15.67
CA SER A 196 15.60 9.80 -16.41
C SER A 196 15.03 10.50 -17.66
N VAL A 197 14.48 11.74 -17.50
CA VAL A 197 13.89 12.54 -18.57
C VAL A 197 14.93 13.19 -19.49
N SER A 198 16.03 13.72 -18.91
CA SER A 198 17.11 14.39 -19.65
C SER A 198 18.16 13.41 -20.21
N ARG A 199 17.85 12.09 -20.16
CA ARG A 199 18.66 10.96 -20.65
C ARG A 199 20.13 11.02 -20.18
N VAL A 200 20.33 11.27 -18.88
CA VAL A 200 21.65 11.28 -18.21
C VAL A 200 21.81 9.86 -17.68
N ASN A 201 22.76 9.12 -18.27
CA ASN A 201 23.01 7.71 -17.95
C ASN A 201 23.86 7.52 -16.69
N VAL A 202 23.54 8.25 -15.61
CA VAL A 202 24.23 8.14 -14.33
C VAL A 202 23.21 7.61 -13.32
N SER A 203 23.44 6.40 -12.78
CA SER A 203 22.53 5.80 -11.83
C SER A 203 22.70 6.35 -10.41
N ILE A 204 21.61 6.35 -9.65
CA ILE A 204 21.53 6.80 -8.28
C ILE A 204 21.08 5.63 -7.38
N THR A 205 22.01 5.15 -6.53
CA THR A 205 21.79 4.03 -5.62
C THR A 205 21.77 4.52 -4.15
N LEU A 206 20.55 4.55 -3.51
CA LEU A 206 20.33 4.97 -2.12
C LEU A 206 20.26 3.72 -1.24
N CYS A 207 21.14 3.62 -0.26
CA CYS A 207 21.25 2.43 0.59
C CYS A 207 20.64 2.64 1.96
N VAL A 208 19.56 1.91 2.25
CA VAL A 208 18.82 1.99 3.52
C VAL A 208 19.36 0.89 4.44
N LEU A 209 20.15 1.29 5.45
CA LEU A 209 20.79 0.36 6.36
C LEU A 209 20.26 0.43 7.77
N GLY A 210 20.21 -0.73 8.41
CA GLY A 210 19.88 -0.88 9.82
C GLY A 210 21.19 -0.89 10.59
N LEU A 211 21.18 -1.34 11.86
CA LEU A 211 22.40 -1.33 12.67
C LEU A 211 23.48 -2.27 12.13
N ILE A 212 24.71 -1.72 12.02
CA ILE A 212 25.90 -2.41 11.52
C ILE A 212 26.91 -2.47 12.67
N ASP A 213 27.66 -3.57 12.77
CA ASP A 213 28.62 -3.77 13.87
C ASP A 213 29.96 -3.00 13.70
N THR A 214 29.90 -1.67 13.48
CA THR A 214 31.13 -0.87 13.38
C THR A 214 31.54 -0.46 14.80
N GLU A 215 32.82 -0.18 15.02
CA GLU A 215 33.36 0.21 16.33
C GLU A 215 32.68 1.46 16.91
N THR A 216 32.34 2.42 16.03
CA THR A 216 31.69 3.68 16.39
C THR A 216 30.22 3.44 16.79
N ALA A 217 29.49 2.63 15.99
CA ALA A 217 28.09 2.28 16.24
C ALA A 217 27.88 1.55 17.54
N MET A 218 28.67 0.50 17.79
CA MET A 218 28.63 -0.32 18.99
C MET A 218 28.85 0.49 20.26
N LYS A 219 29.77 1.46 20.20
CA LYS A 219 30.06 2.37 21.30
C LYS A 219 28.96 3.40 21.51
N ALA A 220 28.37 3.91 20.41
CA ALA A 220 27.30 4.91 20.51
C ALA A 220 25.92 4.33 20.92
N VAL A 221 25.64 3.04 20.60
CA VAL A 221 24.35 2.39 20.92
C VAL A 221 24.33 1.66 22.29
N SER A 222 25.52 1.26 22.80
CA SER A 222 25.72 0.52 24.06
C SER A 222 24.94 1.07 25.25
N GLY A 223 24.08 0.22 25.78
CA GLY A 223 23.20 0.54 26.91
C GLY A 223 21.84 1.01 26.48
N ILE A 224 21.77 1.79 25.39
CA ILE A 224 20.53 2.35 24.83
C ILE A 224 19.80 1.26 24.03
N VAL A 225 19.74 1.41 22.70
CA VAL A 225 19.12 0.46 21.82
C VAL A 225 20.04 -0.74 21.68
N HIS A 226 19.58 -1.91 22.12
CA HIS A 226 20.33 -3.15 22.00
C HIS A 226 19.60 -4.10 21.03
N MET A 227 19.47 -3.63 19.78
CA MET A 227 18.88 -4.39 18.66
C MET A 227 19.98 -5.29 18.08
N GLN A 228 19.62 -6.23 17.19
CA GLN A 228 20.59 -7.12 16.54
C GLN A 228 21.43 -6.33 15.51
N ALA A 229 22.79 -6.44 15.58
CA ALA A 229 23.73 -5.72 14.70
C ALA A 229 24.29 -6.58 13.57
N ALA A 230 24.03 -6.13 12.31
CA ALA A 230 24.43 -6.80 11.07
C ALA A 230 25.95 -6.64 10.74
N PRO A 231 26.62 -7.65 10.11
CA PRO A 231 28.07 -7.52 9.86
C PRO A 231 28.47 -6.50 8.81
N LYS A 232 29.49 -5.69 9.14
CA LYS A 232 30.04 -4.62 8.30
C LYS A 232 30.60 -5.11 6.95
N GLU A 233 31.17 -6.34 6.94
CA GLU A 233 31.74 -6.98 5.76
C GLU A 233 30.68 -7.19 4.68
N GLU A 234 29.58 -7.91 5.03
CA GLU A 234 28.44 -8.19 4.14
C GLU A 234 27.72 -6.87 3.75
N CYS A 235 27.61 -5.91 4.69
CA CYS A 235 26.99 -4.61 4.45
C CYS A 235 27.72 -3.87 3.35
N ALA A 236 29.05 -3.86 3.42
CA ALA A 236 29.92 -3.23 2.43
C ALA A 236 29.69 -3.82 1.04
N LEU A 237 29.59 -5.17 0.96
CA LEU A 237 29.36 -5.90 -0.28
C LEU A 237 28.00 -5.59 -0.90
N GLU A 238 26.92 -5.58 -0.08
CA GLU A 238 25.57 -5.29 -0.59
C GLU A 238 25.45 -3.89 -1.19
N ILE A 239 26.16 -2.90 -0.60
CA ILE A 239 26.21 -1.52 -1.09
C ILE A 239 26.87 -1.49 -2.47
N ILE A 240 28.04 -2.15 -2.62
CA ILE A 240 28.78 -2.27 -3.88
C ILE A 240 27.91 -2.97 -4.94
N LYS A 241 27.24 -4.09 -4.56
CA LYS A 241 26.34 -4.89 -5.40
C LYS A 241 25.24 -4.01 -5.98
N GLY A 242 24.56 -3.29 -5.09
CA GLY A 242 23.49 -2.40 -5.42
C GLY A 242 23.86 -1.33 -6.43
N GLY A 243 25.02 -0.70 -6.19
CA GLY A 243 25.57 0.32 -7.08
C GLY A 243 25.91 -0.26 -8.44
N ALA A 244 26.64 -1.40 -8.44
CA ALA A 244 27.08 -2.13 -9.63
C ALA A 244 25.92 -2.50 -10.56
N LEU A 245 24.87 -3.14 -10.01
CA LEU A 245 23.64 -3.53 -10.71
C LEU A 245 22.79 -2.32 -11.14
N ARG A 246 23.05 -1.13 -10.56
CA ARG A 246 22.35 0.14 -10.85
C ARG A 246 20.92 0.12 -10.29
N GLN A 247 20.76 -0.48 -9.09
CA GLN A 247 19.50 -0.57 -8.38
C GLN A 247 19.24 0.78 -7.75
N GLU A 248 17.99 1.20 -7.78
CA GLU A 248 17.52 2.47 -7.24
C GLU A 248 17.71 2.52 -5.72
N GLU A 249 17.41 1.41 -5.04
CA GLU A 249 17.49 1.27 -3.57
C GLU A 249 17.97 -0.12 -3.12
N VAL A 250 18.81 -0.13 -2.07
CA VAL A 250 19.32 -1.35 -1.45
C VAL A 250 18.89 -1.31 0.01
N TYR A 251 18.30 -2.40 0.49
CA TYR A 251 17.89 -2.52 1.88
C TYR A 251 18.73 -3.60 2.55
N TYR A 252 19.43 -3.25 3.63
CA TYR A 252 20.26 -4.20 4.38
C TYR A 252 20.10 -4.04 5.90
N ASP A 253 19.41 -5.00 6.54
CA ASP A 253 19.14 -5.04 7.98
C ASP A 253 18.91 -6.49 8.47
N SER A 254 19.29 -6.75 9.75
CA SER A 254 19.16 -8.04 10.43
C SER A 254 17.72 -8.55 10.50
N SER A 255 16.74 -7.67 10.81
CA SER A 255 15.32 -8.03 10.91
C SER A 255 14.71 -8.29 9.54
N ARG A 256 14.09 -9.48 9.38
CA ARG A 256 13.42 -9.87 8.14
C ARG A 256 12.05 -9.19 8.06
N TRP A 257 11.55 -8.65 9.19
CA TRP A 257 10.30 -7.91 9.29
C TRP A 257 10.47 -6.50 8.68
N THR A 258 11.72 -5.99 8.67
CA THR A 258 12.09 -4.70 8.10
C THR A 258 11.90 -4.75 6.59
N THR A 259 12.62 -5.67 5.92
CA THR A 259 12.61 -5.88 4.47
C THR A 259 11.17 -6.01 3.93
N LEU A 260 10.33 -6.71 4.69
CA LEU A 260 8.91 -6.96 4.43
C LEU A 260 8.03 -5.70 4.49
N LEU A 261 8.41 -4.67 5.30
CA LEU A 261 7.59 -3.47 5.46
C LEU A 261 8.22 -2.13 4.99
N ILE A 262 9.55 -2.05 4.87
CA ILE A 262 10.29 -0.82 4.55
C ILE A 262 9.94 -0.21 3.20
N ARG A 263 9.66 -1.05 2.19
CA ARG A 263 9.35 -0.59 0.83
C ARG A 263 8.03 0.18 0.75
N ASN A 264 8.00 1.24 -0.09
CA ASN A 264 6.80 2.04 -0.28
C ASN A 264 6.30 1.96 -1.74
N PRO A 265 5.48 0.92 -2.04
CA PRO A 265 4.98 0.76 -3.43
C PRO A 265 4.02 1.86 -3.85
N CYS A 266 3.28 2.44 -2.86
CA CYS A 266 2.36 3.56 -3.06
C CYS A 266 3.11 4.77 -3.57
N ARG A 267 4.36 4.98 -3.08
CA ARG A 267 5.23 6.09 -3.50
C ARG A 267 5.60 5.94 -4.98
N LYS A 268 6.02 4.73 -5.42
CA LYS A 268 6.37 4.45 -6.81
C LYS A 268 5.20 4.71 -7.77
N ILE A 269 3.97 4.34 -7.33
CA ILE A 269 2.71 4.51 -8.07
C ILE A 269 2.41 6.01 -8.23
N LEU A 270 2.45 6.77 -7.12
CA LEU A 270 2.18 8.21 -7.14
C LEU A 270 3.15 8.97 -8.03
N GLU A 271 4.44 8.60 -7.99
CA GLU A 271 5.49 9.21 -8.83
C GLU A 271 5.23 8.93 -10.30
N GLU A 272 4.76 7.71 -10.61
CA GLU A 272 4.40 7.29 -11.97
C GLU A 272 3.20 8.11 -12.48
N LEU A 273 2.22 8.38 -11.58
CA LEU A 273 1.03 9.15 -11.90
C LEU A 273 1.30 10.65 -12.11
N TYR A 274 2.30 11.20 -11.40
CA TYR A 274 2.66 12.61 -11.50
C TYR A 274 3.63 12.93 -12.64
N SER A 275 4.37 11.92 -13.14
CA SER A 275 5.33 12.09 -14.25
C SER A 275 4.65 12.45 -15.58
N THR A 276 3.37 12.05 -15.74
CA THR A 276 2.56 12.31 -16.93
C THR A 276 1.99 13.73 -16.97
N SER A 277 2.08 14.48 -15.84
CA SER A 277 1.57 15.86 -15.69
C SER A 277 2.62 16.96 -15.99
N TYR A 278 3.89 16.59 -16.17
CA TYR A 278 4.98 17.53 -16.43
C TYR A 278 5.40 17.57 -17.91
N ASN A 279 5.96 18.72 -18.34
CA ASN A 279 6.44 18.93 -19.70
C ASN A 279 7.75 19.72 -19.69
N MET A 280 8.82 19.13 -20.25
CA MET A 280 10.17 19.70 -20.34
C MET A 280 10.57 19.76 -21.81
N ASP A 281 9.57 19.58 -22.67
CA ASP A 281 9.65 19.51 -24.13
C ASP A 281 9.55 20.89 -24.78
N MET B 4 -15.71 40.41 31.18
CA MET B 4 -16.40 39.22 31.71
C MET B 4 -15.47 37.97 31.84
N ALA B 5 -14.26 38.01 31.23
CA ALA B 5 -13.24 36.93 31.19
C ALA B 5 -12.67 36.47 32.56
N SER B 6 -12.85 37.27 33.63
CA SER B 6 -12.37 36.99 34.99
C SER B 6 -13.40 36.18 35.83
N MET B 7 -14.65 36.13 35.34
CA MET B 7 -15.76 35.41 35.97
C MET B 7 -16.09 34.17 35.14
N THR B 8 -15.46 34.07 33.95
CA THR B 8 -15.61 33.00 32.97
C THR B 8 -14.55 31.90 33.22
N GLY B 9 -14.65 30.77 32.51
CA GLY B 9 -13.72 29.66 32.61
C GLY B 9 -14.27 28.33 32.11
N GLY B 10 -13.36 27.40 31.88
CA GLY B 10 -13.65 26.05 31.39
C GLY B 10 -12.79 25.63 30.21
N GLN B 11 -13.14 24.48 29.57
CA GLN B 11 -12.42 23.94 28.41
C GLN B 11 -13.32 23.73 27.18
N GLN B 12 -12.82 24.12 25.99
CA GLN B 12 -13.52 24.01 24.70
C GLN B 12 -13.38 22.63 24.05
N MET B 13 -12.32 21.87 24.41
CA MET B 13 -12.06 20.55 23.85
C MET B 13 -12.48 19.40 24.79
N GLY B 14 -13.68 18.84 24.56
CA GLY B 14 -14.27 17.77 25.36
C GLY B 14 -14.42 16.46 24.61
N ARG B 15 -15.63 15.86 24.70
CA ARG B 15 -15.94 14.59 24.03
C ARG B 15 -16.43 14.89 22.62
N GLY B 16 -15.68 14.40 21.63
CA GLY B 16 -15.97 14.60 20.22
C GLY B 16 -15.07 15.66 19.60
N SER B 17 -14.35 16.40 20.48
CA SER B 17 -13.39 17.45 20.10
C SER B 17 -12.20 16.82 19.40
N ASN B 18 -11.79 15.63 19.87
CA ASN B 18 -10.70 14.80 19.35
C ASN B 18 -10.89 14.44 17.86
N GLU B 19 -12.17 14.35 17.40
CA GLU B 19 -12.59 13.92 16.06
C GLU B 19 -13.29 14.99 15.20
N GLU B 20 -13.92 16.00 15.82
CA GLU B 20 -14.62 17.06 15.09
C GLU B 20 -14.17 18.48 15.48
N PHE B 21 -13.79 19.27 14.48
CA PHE B 21 -13.32 20.65 14.65
C PHE B 21 -14.43 21.66 14.94
N ARG B 22 -14.09 22.67 15.75
CA ARG B 22 -14.97 23.79 16.10
C ARG B 22 -14.19 25.11 15.94
N PRO B 23 -14.75 26.16 15.27
CA PRO B 23 -14.02 27.43 15.14
C PRO B 23 -13.67 28.08 16.50
N GLU B 24 -14.49 27.80 17.53
CA GLU B 24 -14.36 28.29 18.91
C GLU B 24 -13.12 27.71 19.63
N MET B 25 -12.47 26.67 19.01
CA MET B 25 -11.25 26.06 19.53
C MET B 25 -10.08 27.05 19.46
N LEU B 26 -10.14 27.99 18.52
CA LEU B 26 -9.13 29.04 18.30
C LEU B 26 -9.48 30.40 18.93
N GLN B 27 -10.69 30.52 19.51
CA GLN B 27 -11.17 31.72 20.18
C GLN B 27 -10.26 32.07 21.38
N GLY B 28 -9.56 33.20 21.26
CA GLY B 28 -8.63 33.72 22.26
C GLY B 28 -7.30 33.01 22.33
N LYS B 29 -6.96 32.25 21.27
CA LYS B 29 -5.70 31.52 21.24
C LYS B 29 -4.56 32.36 20.68
N LYS B 30 -3.36 32.23 21.27
CA LYS B 30 -2.16 32.98 20.88
C LYS B 30 -1.43 32.18 19.79
N VAL B 31 -1.44 32.70 18.54
CA VAL B 31 -0.88 32.02 17.38
C VAL B 31 0.18 32.84 16.63
N ILE B 32 1.27 32.17 16.22
CA ILE B 32 2.30 32.75 15.37
C ILE B 32 2.09 32.17 13.95
N VAL B 33 2.08 33.03 12.92
CA VAL B 33 1.95 32.60 11.52
C VAL B 33 3.13 33.17 10.72
N THR B 34 4.06 32.30 10.29
CA THR B 34 5.20 32.74 9.48
C THR B 34 4.78 32.70 8.03
N GLY B 35 5.45 33.47 7.18
CA GLY B 35 5.13 33.57 5.76
C GLY B 35 3.67 33.90 5.58
N ALA B 36 3.20 34.90 6.33
CA ALA B 36 1.80 35.30 6.34
C ALA B 36 1.50 36.65 5.66
N SER B 37 2.35 37.10 4.74
CA SER B 37 2.11 38.35 4.01
C SER B 37 1.26 38.11 2.74
N LYS B 38 1.22 36.86 2.26
CA LYS B 38 0.46 36.41 1.08
C LYS B 38 0.20 34.92 1.20
N GLY B 39 -0.37 34.34 0.14
CA GLY B 39 -0.66 32.92 0.01
C GLY B 39 -1.41 32.29 1.15
N ILE B 40 -1.07 31.01 1.44
CA ILE B 40 -1.68 30.18 2.49
C ILE B 40 -1.54 30.83 3.88
N GLY B 41 -0.37 31.40 4.16
CA GLY B 41 -0.07 32.07 5.42
C GLY B 41 -1.04 33.18 5.78
N ARG B 42 -1.33 34.06 4.79
CA ARG B 42 -2.26 35.17 4.91
C ARG B 42 -3.68 34.65 5.16
N GLU B 43 -4.10 33.62 4.38
CA GLU B 43 -5.41 32.98 4.50
C GLU B 43 -5.60 32.35 5.89
N MET B 44 -4.51 31.77 6.47
CA MET B 44 -4.53 31.18 7.81
C MET B 44 -4.77 32.27 8.86
N ALA B 45 -4.01 33.39 8.75
CA ALA B 45 -4.14 34.57 9.60
C ALA B 45 -5.58 35.12 9.55
N TYR B 46 -6.16 35.21 8.33
CA TYR B 46 -7.55 35.65 8.11
C TYR B 46 -8.55 34.72 8.80
N HIS B 47 -8.42 33.37 8.59
CA HIS B 47 -9.28 32.37 9.23
C HIS B 47 -9.20 32.48 10.77
N LEU B 48 -7.98 32.62 11.32
CA LEU B 48 -7.71 32.77 12.76
C LEU B 48 -8.33 34.05 13.35
N ALA B 49 -8.29 35.16 12.59
CA ALA B 49 -8.91 36.43 12.98
C ALA B 49 -10.45 36.24 13.15
N LYS B 50 -11.11 35.57 12.17
CA LYS B 50 -12.55 35.29 12.20
C LYS B 50 -12.94 34.45 13.44
N MET B 51 -12.02 33.57 13.87
CA MET B 51 -12.18 32.69 15.04
C MET B 51 -11.98 33.41 16.39
N GLY B 52 -11.52 34.66 16.35
CA GLY B 52 -11.29 35.47 17.54
C GLY B 52 -9.97 35.18 18.23
N ALA B 53 -8.94 34.78 17.44
CA ALA B 53 -7.63 34.45 17.95
C ALA B 53 -6.70 35.64 17.96
N HIS B 54 -5.71 35.63 18.88
CA HIS B 54 -4.66 36.64 18.94
C HIS B 54 -3.62 36.16 17.92
N VAL B 55 -3.18 37.04 17.02
CA VAL B 55 -2.22 36.64 15.99
C VAL B 55 -1.00 37.55 15.89
N VAL B 56 0.15 36.96 15.52
CA VAL B 56 1.41 37.66 15.23
C VAL B 56 1.91 37.07 13.90
N VAL B 57 1.90 37.90 12.85
CA VAL B 57 2.33 37.51 11.50
C VAL B 57 3.74 38.01 11.19
N THR B 58 4.46 37.28 10.32
CA THR B 58 5.82 37.64 9.92
C THR B 58 6.11 37.23 8.48
N ALA B 59 7.01 37.98 7.86
CA ALA B 59 7.56 37.87 6.51
C ALA B 59 8.51 39.06 6.41
N ARG B 60 9.18 39.25 5.28
CA ARG B 60 10.10 40.38 5.12
C ARG B 60 9.40 41.73 4.93
N SER B 61 8.44 41.79 3.99
CA SER B 61 7.72 43.00 3.58
C SER B 61 6.98 43.71 4.70
N LYS B 62 7.59 44.79 5.21
CA LYS B 62 7.02 45.66 6.25
C LYS B 62 5.63 46.18 5.79
N GLU B 63 5.55 46.69 4.54
CA GLU B 63 4.37 47.28 3.87
C GLU B 63 3.19 46.32 3.71
N THR B 64 3.45 45.10 3.17
CA THR B 64 2.43 44.08 2.93
C THR B 64 1.89 43.52 4.25
N LEU B 65 2.78 43.32 5.25
CA LEU B 65 2.46 42.81 6.57
C LEU B 65 1.44 43.65 7.29
N GLN B 66 1.55 44.98 7.13
CA GLN B 66 0.67 46.01 7.69
C GLN B 66 -0.80 45.76 7.30
N LYS B 67 -1.08 45.51 5.99
CA LYS B 67 -2.41 45.26 5.41
C LYS B 67 -3.12 44.03 5.99
N VAL B 68 -2.39 42.89 6.10
CA VAL B 68 -2.88 41.61 6.66
C VAL B 68 -3.37 41.84 8.11
N VAL B 69 -2.62 42.65 8.89
CA VAL B 69 -2.91 43.04 10.27
C VAL B 69 -4.24 43.82 10.34
N SER B 70 -4.37 44.89 9.51
CA SER B 70 -5.57 45.74 9.45
C SER B 70 -6.83 44.92 9.15
N HIS B 71 -6.75 44.04 8.13
CA HIS B 71 -7.88 43.17 7.78
C HIS B 71 -8.20 42.17 8.89
N CYS B 72 -7.17 41.74 9.63
CA CYS B 72 -7.36 40.80 10.73
C CYS B 72 -8.21 41.39 11.84
N LEU B 73 -7.87 42.59 12.33
CA LEU B 73 -8.66 43.29 13.36
C LEU B 73 -10.10 43.56 12.88
N GLU B 74 -10.29 43.83 11.56
CA GLU B 74 -11.60 44.04 10.94
C GLU B 74 -12.40 42.72 10.90
N LEU B 75 -11.70 41.59 10.72
CA LEU B 75 -12.32 40.26 10.68
C LEU B 75 -12.80 39.76 12.05
N GLY B 76 -12.30 40.37 13.12
CA GLY B 76 -12.69 40.02 14.49
C GLY B 76 -11.61 39.36 15.31
N ALA B 77 -10.34 39.64 14.98
CA ALA B 77 -9.17 39.13 15.69
C ALA B 77 -9.11 39.74 17.08
N ALA B 78 -8.62 38.96 18.06
CA ALA B 78 -8.51 39.40 19.46
C ALA B 78 -7.41 40.46 19.64
N SER B 79 -6.36 40.38 18.81
CA SER B 79 -5.20 41.29 18.70
C SER B 79 -4.40 40.86 17.48
N ALA B 80 -3.94 41.82 16.68
CA ALA B 80 -3.18 41.50 15.48
C ALA B 80 -1.91 42.35 15.43
N HIS B 81 -0.76 41.69 15.16
CA HIS B 81 0.54 42.34 15.11
C HIS B 81 1.45 41.75 14.02
N TYR B 82 2.51 42.49 13.65
CA TYR B 82 3.50 42.03 12.70
C TYR B 82 4.90 42.40 13.17
N ILE B 83 5.89 41.58 12.81
CA ILE B 83 7.31 41.82 13.06
C ILE B 83 8.01 41.43 11.77
N ALA B 84 8.45 42.41 11.00
CA ALA B 84 9.13 42.19 9.72
C ALA B 84 10.61 41.78 9.90
N GLY B 85 11.05 40.78 9.14
CA GLY B 85 12.43 40.31 9.15
C GLY B 85 12.66 39.10 8.28
N THR B 86 13.93 38.81 7.94
CA THR B 86 14.27 37.66 7.10
C THR B 86 14.58 36.41 7.91
N MET B 87 14.05 35.27 7.46
CA MET B 87 14.27 33.99 8.12
C MET B 87 15.63 33.38 7.76
N GLU B 88 16.48 34.11 6.99
CA GLU B 88 17.86 33.69 6.68
C GLU B 88 18.74 33.95 7.93
N ASP B 89 18.35 34.99 8.70
CA ASP B 89 19.03 35.42 9.93
C ASP B 89 18.44 34.65 11.12
N MET B 90 19.24 33.73 11.67
CA MET B 90 18.82 32.88 12.77
C MET B 90 18.55 33.67 14.06
N THR B 91 19.33 34.78 14.27
CA THR B 91 19.18 35.70 15.41
C THR B 91 17.78 36.35 15.34
N PHE B 92 17.33 36.80 14.14
CA PHE B 92 15.99 37.38 13.96
C PHE B 92 14.89 36.38 14.34
N ALA B 93 14.96 35.15 13.80
CA ALA B 93 14.00 34.08 14.07
C ALA B 93 13.81 33.84 15.57
N GLU B 94 14.93 33.70 16.30
CA GLU B 94 14.99 33.50 17.75
C GLU B 94 14.40 34.70 18.51
N GLN B 95 14.71 35.94 18.07
CA GLN B 95 14.24 37.17 18.70
C GLN B 95 12.75 37.46 18.44
N PHE B 96 12.25 37.05 17.25
CA PHE B 96 10.86 37.25 16.83
C PHE B 96 9.88 36.52 17.77
N VAL B 97 10.18 35.25 18.10
CA VAL B 97 9.38 34.41 18.96
C VAL B 97 9.26 35.02 20.38
N ALA B 98 10.38 35.45 20.96
CA ALA B 98 10.40 36.09 22.27
C ALA B 98 9.56 37.38 22.29
N GLN B 99 9.62 38.17 21.19
CA GLN B 99 8.89 39.42 21.02
C GLN B 99 7.40 39.20 20.74
N ALA B 100 7.06 38.19 19.92
CA ALA B 100 5.66 37.84 19.60
C ALA B 100 4.97 37.30 20.86
N GLY B 101 5.71 36.52 21.65
CA GLY B 101 5.25 35.95 22.91
C GLY B 101 5.04 37.03 23.95
N LYS B 102 5.81 38.13 23.88
CA LYS B 102 5.73 39.28 24.78
C LYS B 102 4.44 40.08 24.48
N LEU B 103 4.09 40.22 23.18
CA LEU B 103 2.92 40.94 22.69
C LEU B 103 1.59 40.21 22.96
N MET B 104 1.63 38.88 23.19
CA MET B 104 0.44 38.07 23.41
C MET B 104 0.35 37.48 24.82
N GLY B 105 1.44 37.58 25.57
CA GLY B 105 1.53 37.00 26.90
C GLY B 105 1.43 35.50 26.84
N GLY B 106 2.27 34.87 26.01
CA GLY B 106 2.29 33.43 25.80
C GLY B 106 2.09 33.01 24.36
N LEU B 107 1.98 31.68 24.13
CA LEU B 107 1.82 31.08 22.81
C LEU B 107 1.14 29.72 22.89
N ASP B 108 0.09 29.51 22.08
CA ASP B 108 -0.67 28.25 22.01
C ASP B 108 -0.37 27.48 20.74
N MET B 109 -0.11 28.18 19.61
CA MET B 109 0.17 27.52 18.34
C MET B 109 1.25 28.24 17.54
N LEU B 110 2.22 27.46 17.03
CA LEU B 110 3.33 27.95 16.20
C LEU B 110 3.16 27.39 14.79
N ILE B 111 2.73 28.26 13.84
CA ILE B 111 2.54 27.84 12.44
C ILE B 111 3.75 28.24 11.60
N LEU B 112 4.52 27.22 11.20
CA LEU B 112 5.74 27.38 10.40
C LEU B 112 5.36 27.12 8.96
N ASN B 113 5.24 28.20 8.17
CA ASN B 113 4.76 28.21 6.78
C ASN B 113 5.74 28.76 5.73
N HIS B 114 6.59 29.73 6.10
CA HIS B 114 7.53 30.38 5.16
C HIS B 114 8.48 29.43 4.41
N ILE B 115 8.90 29.85 3.21
CA ILE B 115 9.92 29.20 2.38
C ILE B 115 10.66 30.30 1.61
N THR B 116 11.88 30.01 1.14
CA THR B 116 12.67 30.91 0.32
C THR B 116 12.05 30.89 -1.09
N ASN B 117 12.28 31.93 -1.90
CA ASN B 117 11.72 31.99 -3.26
C ASN B 117 12.33 30.87 -4.12
N THR B 118 11.50 30.04 -4.78
CA THR B 118 12.00 28.90 -5.57
C THR B 118 11.22 28.72 -6.89
N SER B 119 11.94 28.31 -7.95
CA SER B 119 11.35 28.05 -9.27
C SER B 119 11.66 26.63 -9.75
N LEU B 120 10.93 26.16 -10.78
CA LEU B 120 11.12 24.84 -11.36
C LEU B 120 12.29 24.89 -12.32
N ASN B 121 13.35 24.13 -12.01
CA ASN B 121 14.58 24.02 -12.79
C ASN B 121 15.25 22.70 -12.51
N LEU B 122 15.92 22.13 -13.54
CA LEU B 122 16.71 20.91 -13.35
C LEU B 122 17.95 21.30 -12.58
N PHE B 123 18.41 20.43 -11.69
CA PHE B 123 19.59 20.73 -10.89
C PHE B 123 20.90 20.59 -11.69
N HIS B 124 21.76 21.61 -11.60
CA HIS B 124 23.04 21.62 -12.29
C HIS B 124 24.19 21.88 -11.33
N ASP B 125 24.26 23.11 -10.78
CA ASP B 125 25.35 23.54 -9.91
C ASP B 125 24.95 24.64 -8.89
N ASP B 126 23.63 24.87 -8.71
CA ASP B 126 23.15 25.91 -7.81
C ASP B 126 23.15 25.46 -6.32
N ILE B 127 24.35 25.36 -5.72
CA ILE B 127 24.56 24.96 -4.33
C ILE B 127 24.03 26.02 -3.36
N HIS B 128 24.08 27.31 -3.76
CA HIS B 128 23.58 28.43 -2.98
C HIS B 128 22.08 28.32 -2.75
N HIS B 129 21.33 27.83 -3.77
CA HIS B 129 19.90 27.59 -3.65
C HIS B 129 19.64 26.35 -2.75
N VAL B 130 20.52 25.33 -2.79
CA VAL B 130 20.37 24.14 -1.93
C VAL B 130 20.56 24.53 -0.48
N ARG B 131 21.66 25.27 -0.17
CA ARG B 131 21.99 25.78 1.16
C ARG B 131 20.90 26.69 1.71
N LYS B 132 20.48 27.70 0.93
CA LYS B 132 19.44 28.67 1.29
C LYS B 132 18.09 27.98 1.54
N SER B 133 17.75 26.96 0.69
CA SER B 133 16.55 26.17 0.87
C SER B 133 16.60 25.44 2.21
N MET B 134 17.77 24.92 2.62
CA MET B 134 17.92 24.24 3.91
C MET B 134 17.86 25.22 5.10
N GLU B 135 18.48 26.41 4.95
CA GLU B 135 18.52 27.47 5.96
C GLU B 135 17.13 28.09 6.22
N VAL B 136 16.40 28.47 5.16
CA VAL B 136 15.08 29.12 5.31
C VAL B 136 13.91 28.12 5.45
N ASN B 137 13.85 27.04 4.64
CA ASN B 137 12.75 26.07 4.71
C ASN B 137 12.88 25.05 5.83
N PHE B 138 14.09 24.87 6.41
CA PHE B 138 14.21 23.88 7.46
C PHE B 138 14.87 24.38 8.75
N LEU B 139 16.13 24.80 8.66
CA LEU B 139 16.95 25.24 9.77
C LEU B 139 16.33 26.39 10.58
N SER B 140 15.61 27.29 9.92
CA SER B 140 14.96 28.40 10.63
C SER B 140 13.72 27.92 11.39
N TYR B 141 13.07 26.84 10.91
CA TYR B 141 11.91 26.19 11.54
C TYR B 141 12.36 25.58 12.87
N VAL B 142 13.56 24.97 12.89
CA VAL B 142 14.18 24.33 14.07
C VAL B 142 14.51 25.42 15.11
N VAL B 143 15.05 26.59 14.67
CA VAL B 143 15.40 27.69 15.59
C VAL B 143 14.13 28.23 16.23
N LEU B 144 13.11 28.45 15.38
CA LEU B 144 11.79 28.95 15.82
C LEU B 144 11.17 28.02 16.86
N THR B 145 11.35 26.69 16.68
CA THR B 145 10.84 25.64 17.58
C THR B 145 11.54 25.69 18.93
N VAL B 146 12.89 25.81 18.94
CA VAL B 146 13.69 25.88 20.17
C VAL B 146 13.24 27.06 21.04
N ALA B 147 13.10 28.25 20.41
CA ALA B 147 12.70 29.50 21.05
C ALA B 147 11.24 29.53 21.54
N ALA B 148 10.36 28.73 20.93
CA ALA B 148 8.94 28.69 21.29
C ALA B 148 8.57 27.61 22.28
N LEU B 149 9.39 26.54 22.35
CA LEU B 149 9.18 25.37 23.21
C LEU B 149 8.83 25.71 24.66
N PRO B 150 9.57 26.59 25.40
CA PRO B 150 9.16 26.90 26.78
C PRO B 150 7.71 27.39 26.93
N MET B 151 7.28 28.31 26.05
CA MET B 151 5.92 28.89 26.05
C MET B 151 4.86 27.87 25.68
N LEU B 152 5.16 27.01 24.70
CA LEU B 152 4.26 25.95 24.23
C LEU B 152 4.16 24.85 25.28
N LYS B 153 5.23 24.62 26.07
CA LYS B 153 5.26 23.65 27.17
C LYS B 153 4.29 24.11 28.26
N GLN B 154 4.26 25.44 28.51
CA GLN B 154 3.41 26.13 29.49
C GLN B 154 1.92 25.98 29.17
N SER B 155 1.55 26.14 27.88
CA SER B 155 0.16 26.09 27.40
C SER B 155 -0.28 24.73 26.84
N ASN B 156 0.65 23.73 26.78
CA ASN B 156 0.44 22.42 26.17
C ASN B 156 0.00 22.66 24.71
N GLY B 157 0.80 23.51 24.06
CA GLY B 157 0.59 24.01 22.72
C GLY B 157 0.82 23.04 21.57
N SER B 158 0.80 23.61 20.36
CA SER B 158 0.93 22.88 19.10
C SER B 158 1.95 23.52 18.18
N ILE B 159 2.65 22.69 17.42
CA ILE B 159 3.60 23.10 16.38
C ILE B 159 3.01 22.61 15.06
N VAL B 160 2.81 23.53 14.11
CA VAL B 160 2.29 23.22 12.79
C VAL B 160 3.41 23.41 11.78
N VAL B 161 3.74 22.35 11.05
CA VAL B 161 4.78 22.34 10.02
C VAL B 161 4.12 22.15 8.66
N VAL B 162 4.15 23.21 7.84
CA VAL B 162 3.59 23.24 6.49
C VAL B 162 4.63 22.66 5.53
N SER B 163 4.35 21.44 5.03
CA SER B 163 5.23 20.71 4.10
C SER B 163 4.57 20.60 2.70
N SER B 164 4.85 19.55 1.94
CA SER B 164 4.34 19.34 0.58
C SER B 164 4.33 17.85 0.24
N LEU B 165 3.68 17.47 -0.90
CA LEU B 165 3.70 16.10 -1.40
C LEU B 165 5.15 15.78 -1.80
N ALA B 166 5.88 16.81 -2.30
CA ALA B 166 7.30 16.75 -2.67
C ALA B 166 8.17 16.58 -1.38
N GLY B 167 7.52 16.51 -0.22
CA GLY B 167 8.14 16.23 1.07
C GLY B 167 7.81 14.82 1.54
N LYS B 168 7.20 14.00 0.66
CA LYS B 168 6.83 12.61 0.92
C LYS B 168 7.24 11.70 -0.28
N VAL B 169 7.03 12.19 -1.52
CA VAL B 169 7.39 11.47 -2.75
C VAL B 169 8.31 12.35 -3.62
N ALA B 170 9.04 11.75 -4.58
CA ALA B 170 9.97 12.48 -5.45
C ALA B 170 9.38 13.05 -6.72
N TYR B 171 9.75 14.28 -7.02
CA TYR B 171 9.33 15.02 -8.21
C TYR B 171 10.55 15.66 -8.82
N PRO B 172 10.67 15.72 -10.16
CA PRO B 172 11.81 16.45 -10.74
C PRO B 172 11.58 17.96 -10.64
N MET B 173 12.65 18.76 -10.90
CA MET B 173 12.68 20.23 -11.02
C MET B 173 12.58 21.03 -9.73
N VAL B 174 12.52 20.35 -8.59
CA VAL B 174 12.41 20.92 -7.23
C VAL B 174 13.33 20.18 -6.25
N ALA B 175 14.52 19.73 -6.70
CA ALA B 175 15.47 18.93 -5.90
C ALA B 175 15.81 19.53 -4.52
N ALA B 176 16.19 20.82 -4.48
CA ALA B 176 16.57 21.51 -3.22
C ALA B 176 15.37 21.68 -2.28
N TYR B 177 14.20 22.05 -2.87
CA TYR B 177 12.92 22.24 -2.21
C TYR B 177 12.51 20.92 -1.55
N SER B 178 12.49 19.84 -2.33
CA SER B 178 12.14 18.48 -1.90
C SER B 178 13.09 17.95 -0.80
N ALA B 179 14.40 18.25 -0.91
CA ALA B 179 15.40 17.88 0.10
C ALA B 179 15.03 18.45 1.46
N SER B 180 14.64 19.73 1.50
CA SER B 180 14.29 20.45 2.73
C SER B 180 12.90 20.11 3.26
N LYS B 181 11.99 19.68 2.41
CA LYS B 181 10.64 19.32 2.84
C LYS B 181 10.60 17.91 3.39
N PHE B 182 11.63 17.14 3.02
CA PHE B 182 11.89 15.78 3.48
C PHE B 182 12.56 15.88 4.85
N ALA B 183 13.54 16.80 5.01
CA ALA B 183 14.27 17.06 6.28
C ALA B 183 13.31 17.43 7.42
N LEU B 184 12.26 18.23 7.11
CA LEU B 184 11.22 18.59 8.08
C LEU B 184 10.57 17.34 8.66
N ASP B 185 10.17 16.39 7.78
CA ASP B 185 9.54 15.13 8.16
C ASP B 185 10.44 14.34 9.10
N GLY B 186 11.70 14.15 8.71
CA GLY B 186 12.71 13.44 9.50
C GLY B 186 12.95 14.04 10.86
N PHE B 187 13.21 15.37 10.92
CA PHE B 187 13.44 16.07 12.18
C PHE B 187 12.22 16.15 13.08
N PHE B 188 11.08 16.64 12.57
CA PHE B 188 9.88 16.83 13.39
C PHE B 188 9.17 15.54 13.80
N SER B 189 9.22 14.46 12.98
CA SER B 189 8.60 13.17 13.35
C SER B 189 9.44 12.48 14.43
N SER B 190 10.78 12.71 14.41
CA SER B 190 11.72 12.18 15.39
C SER B 190 11.50 12.81 16.77
N ILE B 191 11.35 14.16 16.84
CA ILE B 191 11.11 14.88 18.09
C ILE B 191 9.68 14.60 18.63
N ARG B 192 8.72 14.20 17.76
CA ARG B 192 7.37 13.83 18.20
C ARG B 192 7.47 12.58 19.08
N LYS B 193 8.29 11.60 18.64
CA LYS B 193 8.59 10.35 19.35
C LYS B 193 9.37 10.61 20.64
N GLU B 194 10.14 11.72 20.69
CA GLU B 194 10.88 12.16 21.88
C GLU B 194 9.93 12.81 22.88
N TYR B 195 8.98 13.63 22.40
CA TYR B 195 7.98 14.30 23.24
C TYR B 195 7.02 13.28 23.83
N SER B 196 6.75 12.20 23.07
CA SER B 196 5.87 11.09 23.45
C SER B 196 6.41 10.35 24.69
N VAL B 197 7.72 10.01 24.70
CA VAL B 197 8.39 9.29 25.80
C VAL B 197 8.69 10.20 26.99
N SER B 198 9.14 11.45 26.75
CA SER B 198 9.48 12.43 27.79
C SER B 198 8.27 13.22 28.31
N ARG B 199 7.04 12.78 27.92
CA ARG B 199 5.72 13.32 28.29
C ARG B 199 5.63 14.85 28.11
N VAL B 200 6.07 15.35 26.95
CA VAL B 200 6.02 16.75 26.55
C VAL B 200 4.70 16.87 25.77
N ASN B 201 3.73 17.59 26.36
CA ASN B 201 2.39 17.77 25.83
C ASN B 201 2.30 18.83 24.73
N VAL B 202 3.26 18.82 23.78
CA VAL B 202 3.28 19.74 22.64
C VAL B 202 3.09 18.88 21.38
N SER B 203 1.96 19.09 20.67
CA SER B 203 1.68 18.33 19.45
C SER B 203 2.45 18.85 18.23
N ILE B 204 2.74 17.93 17.29
CA ILE B 204 3.46 18.21 16.05
C ILE B 204 2.55 17.82 14.87
N THR B 205 2.10 18.83 14.09
CA THR B 205 1.17 18.66 12.95
C THR B 205 1.95 18.96 11.67
N LEU B 206 2.19 17.94 10.85
CA LEU B 206 2.91 18.06 9.59
C LEU B 206 1.85 18.07 8.48
N CYS B 207 1.86 19.10 7.63
CA CYS B 207 0.85 19.25 6.59
C CYS B 207 1.40 18.95 5.19
N VAL B 208 0.90 17.88 4.57
CA VAL B 208 1.31 17.43 3.24
C VAL B 208 0.33 18.00 2.22
N LEU B 209 0.78 19.03 1.46
CA LEU B 209 -0.08 19.73 0.51
C LEU B 209 0.33 19.52 -0.92
N GLY B 210 -0.67 19.39 -1.80
CA GLY B 210 -0.45 19.29 -3.25
C GLY B 210 -0.44 20.69 -3.82
N LEU B 211 -0.60 20.85 -5.15
CA LEU B 211 -0.68 22.19 -5.76
C LEU B 211 -1.85 23.01 -5.18
N ILE B 212 -1.56 24.27 -4.78
CA ILE B 212 -2.49 25.25 -4.18
C ILE B 212 -2.50 26.48 -5.12
N ASP B 213 -3.66 27.15 -5.28
CA ASP B 213 -3.80 28.30 -6.19
C ASP B 213 -3.27 29.66 -5.63
N THR B 214 -2.01 29.69 -5.16
CA THR B 214 -1.42 30.95 -4.68
C THR B 214 -0.80 31.67 -5.90
N GLU B 215 -0.65 33.00 -5.80
CA GLU B 215 -0.08 33.84 -6.86
C GLU B 215 1.34 33.40 -7.29
N THR B 216 2.16 32.96 -6.32
CA THR B 216 3.53 32.50 -6.52
C THR B 216 3.54 31.15 -7.25
N ALA B 217 2.68 30.21 -6.82
CA ALA B 217 2.58 28.86 -7.40
C ALA B 217 2.13 28.90 -8.85
N MET B 218 1.06 29.63 -9.14
CA MET B 218 0.48 29.78 -10.47
C MET B 218 1.47 30.35 -11.48
N LYS B 219 2.28 31.33 -11.04
CA LYS B 219 3.33 31.93 -11.87
C LYS B 219 4.52 30.97 -12.06
N ALA B 220 4.90 30.22 -11.02
CA ALA B 220 6.02 29.29 -11.12
C ALA B 220 5.73 27.99 -11.89
N VAL B 221 4.45 27.53 -11.92
CA VAL B 221 4.09 26.26 -12.58
C VAL B 221 3.54 26.42 -14.03
N SER B 222 3.27 27.65 -14.56
CA SER B 222 2.67 27.82 -15.90
C SER B 222 3.56 27.36 -17.05
N GLY B 223 2.99 26.45 -17.85
CA GLY B 223 3.64 25.86 -19.01
C GLY B 223 4.66 24.77 -18.69
N ILE B 224 4.81 24.44 -17.40
CA ILE B 224 5.75 23.41 -16.96
C ILE B 224 5.02 22.19 -16.41
N VAL B 225 4.11 22.38 -15.45
CA VAL B 225 3.35 21.27 -14.86
C VAL B 225 1.85 21.59 -14.91
N HIS B 226 1.03 20.63 -15.39
CA HIS B 226 -0.38 20.87 -15.65
C HIS B 226 -1.37 20.17 -14.72
N MET B 227 -1.00 19.97 -13.45
CA MET B 227 -1.92 19.36 -12.50
C MET B 227 -2.99 20.34 -12.02
N GLN B 228 -4.06 19.84 -11.39
CA GLN B 228 -5.13 20.67 -10.85
C GLN B 228 -4.68 21.31 -9.51
N ALA B 229 -4.96 22.62 -9.35
CA ALA B 229 -4.64 23.40 -8.15
C ALA B 229 -5.83 23.48 -7.20
N ALA B 230 -5.59 23.30 -5.89
CA ALA B 230 -6.61 23.36 -4.83
C ALA B 230 -6.78 24.77 -4.21
N PRO B 231 -7.98 25.18 -3.71
CA PRO B 231 -8.13 26.56 -3.21
C PRO B 231 -7.38 26.87 -1.90
N LYS B 232 -6.69 28.02 -1.88
CA LYS B 232 -5.88 28.50 -0.75
C LYS B 232 -6.69 28.72 0.54
N GLU B 233 -7.97 29.14 0.40
CA GLU B 233 -8.89 29.40 1.50
C GLU B 233 -9.15 28.13 2.32
N GLU B 234 -9.61 27.05 1.63
CA GLU B 234 -9.89 25.74 2.24
C GLU B 234 -8.59 25.09 2.77
N CYS B 235 -7.47 25.29 2.04
CA CYS B 235 -6.15 24.76 2.43
C CYS B 235 -5.75 25.33 3.77
N ALA B 236 -5.92 26.63 3.95
CA ALA B 236 -5.60 27.36 5.17
C ALA B 236 -6.40 26.81 6.35
N LEU B 237 -7.70 26.54 6.14
CA LEU B 237 -8.62 25.99 7.15
C LEU B 237 -8.22 24.59 7.57
N GLU B 238 -7.91 23.69 6.61
CA GLU B 238 -7.53 22.31 6.92
C GLU B 238 -6.25 22.23 7.77
N ILE B 239 -5.29 23.14 7.51
CA ILE B 239 -4.04 23.25 8.28
C ILE B 239 -4.36 23.61 9.74
N ILE B 240 -5.19 24.66 9.95
CA ILE B 240 -5.63 25.13 11.27
C ILE B 240 -6.38 24.01 12.01
N LYS B 241 -7.31 23.32 11.31
CA LYS B 241 -8.10 22.18 11.80
C LYS B 241 -7.19 21.10 12.40
N GLY B 242 -6.19 20.68 11.64
CA GLY B 242 -5.23 19.66 12.07
C GLY B 242 -4.46 20.04 13.32
N GLY B 243 -4.04 21.30 13.41
CA GLY B 243 -3.33 21.82 14.56
C GLY B 243 -4.21 21.79 15.80
N ALA B 244 -5.47 22.22 15.65
CA ALA B 244 -6.46 22.25 16.71
C ALA B 244 -6.84 20.85 17.20
N LEU B 245 -7.02 19.87 16.26
CA LEU B 245 -7.38 18.47 16.58
C LEU B 245 -6.17 17.67 17.07
N ARG B 246 -4.96 18.26 17.00
CA ARG B 246 -3.66 17.68 17.39
C ARG B 246 -3.36 16.41 16.58
N GLN B 247 -3.67 16.45 15.28
CA GLN B 247 -3.43 15.40 14.31
C GLN B 247 -1.96 15.40 13.95
N GLU B 248 -1.37 14.21 13.84
CA GLU B 248 0.03 14.03 13.49
C GLU B 248 0.32 14.54 12.07
N GLU B 249 -0.60 14.25 11.12
CA GLU B 249 -0.47 14.62 9.71
C GLU B 249 -1.79 15.05 9.09
N VAL B 250 -1.74 16.09 8.23
CA VAL B 250 -2.89 16.59 7.46
C VAL B 250 -2.54 16.45 6.00
N TYR B 251 -3.43 15.85 5.22
CA TYR B 251 -3.23 15.72 3.79
C TYR B 251 -4.29 16.54 3.07
N TYR B 252 -3.87 17.46 2.19
CA TYR B 252 -4.77 18.31 1.43
C TYR B 252 -4.33 18.47 -0.06
N ASP B 253 -5.17 17.97 -0.97
CA ASP B 253 -4.94 17.93 -2.42
C ASP B 253 -6.26 17.78 -3.24
N SER B 254 -6.22 18.19 -4.52
CA SER B 254 -7.31 18.11 -5.50
C SER B 254 -7.67 16.67 -5.89
N SER B 255 -6.64 15.86 -6.21
CA SER B 255 -6.82 14.45 -6.60
C SER B 255 -7.21 13.60 -5.39
N ARG B 256 -8.33 12.86 -5.52
CA ARG B 256 -8.82 11.96 -4.49
C ARG B 256 -8.01 10.67 -4.48
N TRP B 257 -7.24 10.43 -5.57
CA TRP B 257 -6.35 9.28 -5.74
C TRP B 257 -5.10 9.48 -4.88
N THR B 258 -4.73 10.76 -4.60
CA THR B 258 -3.59 11.16 -3.77
C THR B 258 -3.85 10.72 -2.32
N THR B 259 -4.94 11.23 -1.72
CA THR B 259 -5.40 10.95 -0.35
C THR B 259 -5.41 9.44 -0.06
N LEU B 260 -5.86 8.67 -1.05
CA LEU B 260 -5.99 7.21 -1.04
C LEU B 260 -4.64 6.47 -1.03
N LEU B 261 -3.57 7.06 -1.60
CA LEU B 261 -2.26 6.43 -1.68
C LEU B 261 -1.09 7.08 -0.90
N ILE B 262 -1.20 8.37 -0.54
CA ILE B 262 -0.14 9.13 0.12
C ILE B 262 0.28 8.57 1.49
N ARG B 263 -0.67 8.02 2.25
CA ARG B 263 -0.44 7.47 3.57
C ARG B 263 0.49 6.27 3.56
N ASN B 264 1.38 6.18 4.57
CA ASN B 264 2.32 5.06 4.71
C ASN B 264 2.04 4.32 6.03
N PRO B 265 1.07 3.37 6.02
CA PRO B 265 0.75 2.63 7.24
C PRO B 265 1.86 1.67 7.67
N CYS B 266 2.66 1.21 6.69
CA CYS B 266 3.83 0.35 6.92
C CYS B 266 4.88 1.08 7.76
N ARG B 267 5.00 2.43 7.57
CA ARG B 267 5.91 3.29 8.34
C ARG B 267 5.48 3.35 9.81
N LYS B 268 4.18 3.55 10.08
CA LYS B 268 3.64 3.58 11.44
C LYS B 268 3.87 2.28 12.19
N ILE B 269 3.75 1.13 11.47
CA ILE B 269 3.96 -0.23 11.99
C ILE B 269 5.42 -0.43 12.36
N LEU B 270 6.34 -0.09 11.43
CA LEU B 270 7.78 -0.22 11.66
C LEU B 270 8.25 0.61 12.84
N GLU B 271 7.74 1.85 12.99
CA GLU B 271 8.06 2.77 14.10
C GLU B 271 7.59 2.17 15.43
N GLU B 272 6.41 1.52 15.42
CA GLU B 272 5.83 0.83 16.57
C GLU B 272 6.72 -0.35 16.98
N LEU B 273 7.25 -1.09 15.98
CA LEU B 273 8.11 -2.25 16.19
C LEU B 273 9.50 -1.88 16.71
N TYR B 274 10.04 -0.71 16.32
CA TYR B 274 11.35 -0.26 16.75
C TYR B 274 11.38 0.46 18.09
N SER B 275 10.22 0.99 18.54
CA SER B 275 10.09 1.70 19.81
C SER B 275 10.35 0.79 21.02
N THR B 276 10.06 -0.51 20.88
CA THR B 276 10.22 -1.55 21.92
C THR B 276 11.68 -2.00 22.09
N SER B 277 12.57 -1.66 21.14
CA SER B 277 13.99 -2.04 21.14
C SER B 277 14.93 -1.01 21.80
N TYR B 278 14.44 0.22 22.09
CA TYR B 278 15.23 1.28 22.69
C TYR B 278 15.03 1.41 24.21
N ASN B 279 16.11 1.87 24.91
CA ASN B 279 16.18 2.16 26.36
C ASN B 279 16.41 3.67 26.47
N MET B 280 15.46 4.42 27.09
CA MET B 280 15.53 5.89 27.18
C MET B 280 15.41 6.47 28.61
N ASP B 281 15.63 5.66 29.68
CA ASP B 281 15.54 6.18 31.06
C ASP B 281 16.72 7.13 31.42
N ARG B 282 17.49 7.52 30.39
CA ARG B 282 18.59 8.46 30.45
C ARG B 282 18.18 9.63 29.50
N PHE B 283 18.82 9.75 28.31
CA PHE B 283 18.54 10.79 27.32
C PHE B 283 18.60 10.22 25.90
N THR C 8 20.21 -41.14 -22.24
CA THR C 8 20.11 -39.69 -22.05
C THR C 8 19.51 -39.33 -20.68
N GLY C 9 19.65 -38.07 -20.29
CA GLY C 9 19.16 -37.56 -19.01
C GLY C 9 19.70 -36.20 -18.62
N GLY C 10 19.07 -35.57 -17.61
CA GLY C 10 19.44 -34.25 -17.11
C GLY C 10 18.24 -33.38 -16.76
N GLN C 11 18.51 -32.12 -16.33
CA GLN C 11 17.48 -31.16 -15.92
C GLN C 11 17.59 -29.83 -16.65
N GLN C 12 16.46 -29.34 -17.17
CA GLN C 12 16.36 -28.08 -17.93
C GLN C 12 16.18 -26.84 -17.06
N MET C 13 15.62 -27.01 -15.85
CA MET C 13 15.37 -25.90 -14.93
C MET C 13 16.40 -25.84 -13.79
N GLY C 14 17.42 -25.01 -13.97
CA GLY C 14 18.48 -24.84 -12.99
C GLY C 14 18.62 -23.39 -12.58
N ARG C 15 19.86 -22.86 -12.60
CA ARG C 15 20.15 -21.47 -12.27
C ARG C 15 20.02 -20.64 -13.55
N GLY C 16 19.05 -19.74 -13.56
CA GLY C 16 18.75 -18.88 -14.71
C GLY C 16 17.48 -19.30 -15.41
N GLU C 19 14.30 -18.10 -13.32
CA GLU C 19 14.18 -16.65 -13.38
C GLU C 19 13.88 -16.10 -14.79
N GLU C 20 14.34 -16.80 -15.86
CA GLU C 20 14.13 -16.44 -17.28
C GLU C 20 13.60 -17.64 -18.07
N PHE C 21 12.51 -17.45 -18.84
CA PHE C 21 11.84 -18.53 -19.59
C PHE C 21 12.60 -19.05 -20.80
N ARG C 22 12.50 -20.37 -21.04
CA ARG C 22 13.07 -21.08 -22.18
C ARG C 22 12.01 -22.02 -22.78
N PRO C 23 11.81 -22.03 -24.12
CA PRO C 23 10.81 -22.96 -24.72
C PRO C 23 11.09 -24.43 -24.43
N GLU C 24 12.37 -24.78 -24.24
CA GLU C 24 12.89 -26.13 -23.93
C GLU C 24 12.45 -26.60 -22.55
N MET C 25 11.90 -25.70 -21.70
CA MET C 25 11.37 -26.03 -20.37
C MET C 25 10.14 -26.95 -20.47
N LEU C 26 9.42 -26.86 -21.61
CA LEU C 26 8.21 -27.61 -21.90
C LEU C 26 8.47 -28.82 -22.82
N GLN C 27 9.71 -28.98 -23.29
CA GLN C 27 10.13 -30.11 -24.14
C GLN C 27 9.96 -31.44 -23.39
N GLY C 28 9.02 -32.26 -23.88
CA GLY C 28 8.67 -33.56 -23.32
C GLY C 28 7.84 -33.51 -22.04
N LYS C 29 7.21 -32.37 -21.77
CA LYS C 29 6.38 -32.21 -20.57
C LYS C 29 4.95 -32.64 -20.82
N LYS C 30 4.34 -33.29 -19.83
CA LYS C 30 2.97 -33.82 -19.89
C LYS C 30 2.01 -32.73 -19.40
N VAL C 31 1.21 -32.16 -20.33
CA VAL C 31 0.32 -31.04 -20.04
C VAL C 31 -1.14 -31.32 -20.39
N ILE C 32 -2.06 -30.89 -19.50
CA ILE C 32 -3.50 -30.94 -19.74
C ILE C 32 -3.93 -29.49 -20.06
N VAL C 33 -4.73 -29.30 -21.15
CA VAL C 33 -5.26 -27.98 -21.52
C VAL C 33 -6.77 -28.09 -21.64
N THR C 34 -7.52 -27.48 -20.70
CA THR C 34 -8.98 -27.51 -20.77
C THR C 34 -9.42 -26.32 -21.60
N GLY C 35 -10.62 -26.39 -22.16
CA GLY C 35 -11.17 -25.35 -23.02
C GLY C 35 -10.20 -25.04 -24.15
N ALA C 36 -9.65 -26.08 -24.77
CA ALA C 36 -8.63 -25.93 -25.81
C ALA C 36 -9.10 -26.24 -27.23
N SER C 37 -10.40 -26.11 -27.49
CA SER C 37 -10.92 -26.34 -28.83
C SER C 37 -10.92 -25.05 -29.67
N LYS C 38 -10.72 -23.88 -28.98
CA LYS C 38 -10.66 -22.51 -29.52
C LYS C 38 -10.14 -21.49 -28.49
N GLY C 39 -9.91 -20.24 -28.95
CA GLY C 39 -9.41 -19.14 -28.15
C GLY C 39 -8.03 -19.34 -27.58
N ILE C 40 -7.81 -18.85 -26.33
CA ILE C 40 -6.54 -18.92 -25.58
C ILE C 40 -6.07 -20.38 -25.38
N GLY C 41 -7.02 -21.26 -25.07
CA GLY C 41 -6.78 -22.69 -24.85
C GLY C 41 -6.11 -23.39 -26.02
N ARG C 42 -6.64 -23.14 -27.24
CA ARG C 42 -6.12 -23.67 -28.50
C ARG C 42 -4.71 -23.12 -28.77
N GLU C 43 -4.51 -21.80 -28.59
CA GLU C 43 -3.22 -21.12 -28.75
C GLU C 43 -2.16 -21.68 -27.78
N MET C 44 -2.58 -22.03 -26.53
CA MET C 44 -1.68 -22.62 -25.52
C MET C 44 -1.23 -24.00 -25.98
N ALA C 45 -2.18 -24.83 -26.45
CA ALA C 45 -1.94 -26.16 -27.01
C ALA C 45 -0.96 -26.07 -28.21
N TYR C 46 -1.16 -25.07 -29.10
CA TYR C 46 -0.30 -24.82 -30.25
C TYR C 46 1.13 -24.46 -29.81
N HIS C 47 1.27 -23.49 -28.86
CA HIS C 47 2.56 -23.09 -28.31
C HIS C 47 3.30 -24.30 -27.69
N LEU C 48 2.56 -25.13 -26.90
CA LEU C 48 3.09 -26.34 -26.24
C LEU C 48 3.56 -27.39 -27.24
N ALA C 49 2.82 -27.56 -28.34
CA ALA C 49 3.16 -28.48 -29.42
C ALA C 49 4.52 -28.07 -30.05
N LYS C 50 4.71 -26.77 -30.36
CA LYS C 50 5.98 -26.23 -30.91
C LYS C 50 7.17 -26.48 -29.97
N MET C 51 6.90 -26.48 -28.65
CA MET C 51 7.89 -26.71 -27.59
C MET C 51 8.26 -28.19 -27.43
N GLY C 52 7.51 -29.06 -28.11
CA GLY C 52 7.71 -30.51 -28.10
C GLY C 52 7.18 -31.17 -26.85
N ALA C 53 6.05 -30.65 -26.33
CA ALA C 53 5.37 -31.16 -25.15
C ALA C 53 4.32 -32.17 -25.52
N HIS C 54 4.02 -33.08 -24.59
CA HIS C 54 2.95 -34.06 -24.73
C HIS C 54 1.70 -33.29 -24.27
N VAL C 55 0.63 -33.31 -25.08
CA VAL C 55 -0.59 -32.59 -24.71
C VAL C 55 -1.85 -33.45 -24.76
N VAL C 56 -2.82 -33.12 -23.88
CA VAL C 56 -4.15 -33.71 -23.84
C VAL C 56 -5.12 -32.54 -23.72
N VAL C 57 -5.90 -32.31 -24.79
CA VAL C 57 -6.86 -31.21 -24.88
C VAL C 57 -8.28 -31.68 -24.64
N THR C 58 -9.14 -30.80 -24.08
CA THR C 58 -10.54 -31.10 -23.78
C THR C 58 -11.43 -29.90 -23.94
N ALA C 59 -12.72 -30.19 -24.11
CA ALA C 59 -13.86 -29.30 -24.33
C ALA C 59 -15.02 -30.25 -24.73
N ARG C 60 -16.14 -29.72 -25.22
CA ARG C 60 -17.25 -30.57 -25.61
C ARG C 60 -17.18 -31.13 -27.05
N SER C 61 -16.89 -30.27 -28.04
CA SER C 61 -16.86 -30.60 -29.48
C SER C 61 -15.69 -31.49 -29.89
N LYS C 62 -15.98 -32.76 -30.23
CA LYS C 62 -14.95 -33.72 -30.64
C LYS C 62 -14.38 -33.37 -31.99
N GLU C 63 -15.19 -32.72 -32.84
CA GLU C 63 -14.85 -32.24 -34.18
C GLU C 63 -13.74 -31.18 -34.13
N THR C 64 -13.91 -30.15 -33.30
CA THR C 64 -12.93 -29.08 -33.15
C THR C 64 -11.67 -29.61 -32.44
N LEU C 65 -11.86 -30.51 -31.45
CA LEU C 65 -10.71 -31.09 -30.72
C LEU C 65 -9.82 -31.90 -31.65
N GLN C 66 -10.44 -32.61 -32.64
CA GLN C 66 -9.77 -33.45 -33.64
C GLN C 66 -8.82 -32.61 -34.44
N LYS C 67 -9.32 -31.45 -34.91
CA LYS C 67 -8.62 -30.45 -35.72
C LYS C 67 -7.34 -29.95 -35.00
N VAL C 68 -7.47 -29.51 -33.73
CA VAL C 68 -6.41 -28.96 -32.87
C VAL C 68 -5.27 -30.00 -32.64
N VAL C 69 -5.67 -31.24 -32.40
CA VAL C 69 -4.79 -32.38 -32.14
C VAL C 69 -3.86 -32.65 -33.33
N SER C 70 -4.42 -32.63 -34.55
CA SER C 70 -3.69 -32.84 -35.79
C SER C 70 -2.71 -31.70 -36.02
N HIS C 71 -3.15 -30.43 -35.83
CA HIS C 71 -2.25 -29.31 -35.99
C HIS C 71 -1.11 -29.37 -34.96
N CYS C 72 -1.39 -29.89 -33.75
CA CYS C 72 -0.41 -30.07 -32.69
C CYS C 72 0.67 -31.07 -33.09
N LEU C 73 0.26 -32.21 -33.71
CA LEU C 73 1.18 -33.24 -34.19
C LEU C 73 2.06 -32.68 -35.30
N GLU C 74 1.48 -31.83 -36.16
CA GLU C 74 2.18 -31.15 -37.26
C GLU C 74 3.15 -30.10 -36.71
N LEU C 75 2.78 -29.42 -35.60
CA LEU C 75 3.63 -28.38 -35.01
C LEU C 75 4.88 -28.92 -34.31
N GLY C 76 4.88 -30.22 -34.00
CA GLY C 76 6.00 -30.90 -33.36
C GLY C 76 5.77 -31.34 -31.93
N ALA C 77 4.49 -31.62 -31.56
CA ALA C 77 4.10 -32.12 -30.24
C ALA C 77 4.58 -33.54 -30.08
N ALA C 78 5.08 -33.85 -28.88
CA ALA C 78 5.60 -35.16 -28.55
C ALA C 78 4.54 -36.26 -28.65
N SER C 79 3.25 -35.87 -28.42
CA SER C 79 2.04 -36.68 -28.52
C SER C 79 0.84 -35.73 -28.34
N ALA C 80 -0.22 -35.93 -29.12
CA ALA C 80 -1.42 -35.10 -29.02
C ALA C 80 -2.68 -35.94 -28.94
N HIS C 81 -3.53 -35.64 -27.95
CA HIS C 81 -4.75 -36.39 -27.73
C HIS C 81 -5.91 -35.48 -27.31
N TYR C 82 -7.15 -35.96 -27.48
CA TYR C 82 -8.33 -35.25 -27.04
C TYR C 82 -9.28 -36.22 -26.36
N ILE C 83 -10.05 -35.71 -25.38
CA ILE C 83 -11.12 -36.43 -24.70
C ILE C 83 -12.26 -35.44 -24.60
N ALA C 84 -13.28 -35.58 -25.45
CA ALA C 84 -14.43 -34.68 -25.47
C ALA C 84 -15.43 -34.96 -24.33
N GLY C 85 -15.81 -33.87 -23.67
CA GLY C 85 -16.79 -33.91 -22.59
C GLY C 85 -17.05 -32.54 -22.01
N THR C 86 -18.19 -32.41 -21.35
CA THR C 86 -18.69 -31.22 -20.69
C THR C 86 -18.23 -31.18 -19.23
N MET C 87 -17.73 -30.03 -18.84
CA MET C 87 -17.24 -29.80 -17.51
C MET C 87 -18.36 -29.52 -16.50
N GLU C 88 -19.64 -29.61 -16.94
CA GLU C 88 -20.82 -29.50 -16.06
C GLU C 88 -20.94 -30.82 -15.27
N ASP C 89 -20.49 -31.93 -15.87
CA ASP C 89 -20.51 -33.30 -15.30
C ASP C 89 -19.21 -33.54 -14.50
N MET C 90 -19.33 -33.62 -13.17
CA MET C 90 -18.18 -33.77 -12.26
C MET C 90 -17.53 -35.13 -12.38
N THR C 91 -18.30 -36.15 -12.78
CA THR C 91 -17.81 -37.51 -13.01
C THR C 91 -16.88 -37.52 -14.23
N PHE C 92 -17.27 -36.80 -15.31
CA PHE C 92 -16.44 -36.69 -16.50
C PHE C 92 -15.09 -36.04 -16.17
N ALA C 93 -15.11 -34.88 -15.49
CA ALA C 93 -13.91 -34.12 -15.10
C ALA C 93 -12.91 -35.00 -14.35
N GLU C 94 -13.39 -35.73 -13.35
CA GLU C 94 -12.61 -36.65 -12.53
C GLU C 94 -12.02 -37.82 -13.35
N GLN C 95 -12.83 -38.38 -14.27
CA GLN C 95 -12.42 -39.49 -15.13
C GLN C 95 -11.44 -39.08 -16.25
N PHE C 96 -11.58 -37.84 -16.76
CA PHE C 96 -10.74 -37.27 -17.82
C PHE C 96 -9.28 -37.21 -17.41
N VAL C 97 -9.01 -36.71 -16.18
CA VAL C 97 -7.67 -36.56 -15.61
C VAL C 97 -6.97 -37.94 -15.49
N ALA C 98 -7.67 -38.94 -14.94
CA ALA C 98 -7.14 -40.31 -14.84
C ALA C 98 -6.79 -40.90 -16.23
N GLN C 99 -7.64 -40.64 -17.25
CA GLN C 99 -7.48 -41.09 -18.63
C GLN C 99 -6.36 -40.34 -19.37
N ALA C 100 -6.27 -39.01 -19.18
CA ALA C 100 -5.24 -38.17 -19.80
C ALA C 100 -3.88 -38.53 -19.24
N GLY C 101 -3.84 -38.82 -17.94
CA GLY C 101 -2.64 -39.24 -17.21
C GLY C 101 -2.17 -40.62 -17.65
N LYS C 102 -3.13 -41.48 -18.08
CA LYS C 102 -2.87 -42.82 -18.57
C LYS C 102 -2.22 -42.75 -19.97
N LEU C 103 -2.69 -41.80 -20.82
CA LEU C 103 -2.18 -41.58 -22.18
C LEU C 103 -0.79 -40.93 -22.25
N MET C 104 -0.36 -40.26 -21.17
CA MET C 104 0.94 -39.58 -21.10
C MET C 104 1.91 -40.18 -20.09
N GLY C 105 1.41 -41.10 -19.26
CA GLY C 105 2.20 -41.74 -18.21
C GLY C 105 2.67 -40.72 -17.20
N GLY C 106 1.71 -39.95 -16.66
CA GLY C 106 1.96 -38.88 -15.71
C GLY C 106 1.45 -37.52 -16.15
N LEU C 107 1.76 -36.48 -15.33
CA LEU C 107 1.34 -35.11 -15.57
C LEU C 107 2.28 -34.12 -14.89
N ASP C 108 2.74 -33.10 -15.66
CA ASP C 108 3.64 -32.04 -15.18
C ASP C 108 2.91 -30.72 -15.02
N MET C 109 1.92 -30.44 -15.87
CA MET C 109 1.18 -29.17 -15.80
C MET C 109 -0.31 -29.36 -16.09
N LEU C 110 -1.15 -28.76 -15.24
CA LEU C 110 -2.61 -28.78 -15.36
C LEU C 110 -3.10 -27.35 -15.66
N ILE C 111 -3.50 -27.09 -16.94
CA ILE C 111 -3.99 -25.78 -17.35
C ILE C 111 -5.51 -25.76 -17.36
N LEU C 112 -6.06 -25.05 -16.38
CA LEU C 112 -7.51 -24.92 -16.21
C LEU C 112 -7.91 -23.59 -16.83
N ASN C 113 -8.53 -23.67 -18.03
CA ASN C 113 -8.90 -22.54 -18.89
C ASN C 113 -10.40 -22.41 -19.22
N HIS C 114 -11.13 -23.53 -19.31
CA HIS C 114 -12.55 -23.55 -19.68
C HIS C 114 -13.47 -22.67 -18.82
N ILE C 115 -14.58 -22.23 -19.42
CA ILE C 115 -15.63 -21.47 -18.76
C ILE C 115 -16.96 -21.83 -19.38
N THR C 116 -18.07 -21.49 -18.73
CA THR C 116 -19.38 -21.73 -19.33
C THR C 116 -19.66 -20.53 -20.26
N ASN C 117 -20.47 -20.72 -21.30
CA ASN C 117 -20.85 -19.68 -22.25
C ASN C 117 -21.52 -18.52 -21.50
N THR C 118 -21.02 -17.31 -21.68
CA THR C 118 -21.46 -16.15 -20.91
C THR C 118 -21.50 -14.90 -21.80
N SER C 119 -22.46 -14.01 -21.50
CA SER C 119 -22.67 -12.75 -22.21
C SER C 119 -22.81 -11.59 -21.20
N LEU C 120 -22.67 -10.37 -21.69
CA LEU C 120 -22.81 -9.15 -20.90
C LEU C 120 -24.30 -8.82 -20.78
N ASN C 121 -24.79 -8.82 -19.55
CA ASN C 121 -26.17 -8.54 -19.19
C ASN C 121 -26.23 -8.08 -17.75
N LEU C 122 -27.18 -7.18 -17.45
CA LEU C 122 -27.40 -6.73 -16.07
C LEU C 122 -28.10 -7.88 -15.37
N PHE C 123 -27.74 -8.13 -14.10
CA PHE C 123 -28.34 -9.22 -13.35
C PHE C 123 -29.79 -8.94 -12.95
N HIS C 124 -30.67 -9.92 -13.20
CA HIS C 124 -32.07 -9.79 -12.81
C HIS C 124 -32.54 -10.92 -11.94
N ASP C 125 -32.62 -12.14 -12.52
CA ASP C 125 -33.13 -13.34 -11.85
C ASP C 125 -32.54 -14.65 -12.39
N ASP C 126 -31.45 -14.58 -13.18
CA ASP C 126 -30.83 -15.76 -13.78
C ASP C 126 -29.93 -16.54 -12.80
N ILE C 127 -30.57 -17.23 -11.82
CA ILE C 127 -29.90 -18.06 -10.82
C ILE C 127 -29.23 -19.28 -11.45
N HIS C 128 -29.81 -19.76 -12.56
CA HIS C 128 -29.36 -20.87 -13.38
C HIS C 128 -27.95 -20.58 -13.95
N HIS C 129 -27.71 -19.33 -14.34
CA HIS C 129 -26.43 -18.89 -14.85
C HIS C 129 -25.44 -18.70 -13.70
N VAL C 130 -25.92 -18.30 -12.50
CA VAL C 130 -25.05 -18.15 -11.32
C VAL C 130 -24.54 -19.52 -10.86
N ARG C 131 -25.45 -20.51 -10.74
CA ARG C 131 -25.12 -21.89 -10.35
C ARG C 131 -24.19 -22.56 -11.36
N LYS C 132 -24.54 -22.49 -12.65
CA LYS C 132 -23.76 -23.05 -13.76
C LYS C 132 -22.36 -22.40 -13.82
N SER C 133 -22.27 -21.06 -13.61
CA SER C 133 -20.99 -20.35 -13.59
C SER C 133 -20.12 -20.89 -12.47
N MET C 134 -20.70 -21.18 -11.30
CA MET C 134 -19.95 -21.74 -10.17
C MET C 134 -19.52 -23.18 -10.41
N GLU C 135 -20.41 -24.00 -11.01
CA GLU C 135 -20.15 -25.41 -11.32
C GLU C 135 -19.05 -25.57 -12.39
N VAL C 136 -19.13 -24.77 -13.45
CA VAL C 136 -18.20 -24.86 -14.57
C VAL C 136 -16.90 -24.12 -14.30
N ASN C 137 -16.96 -22.84 -13.97
CA ASN C 137 -15.73 -22.07 -13.86
C ASN C 137 -14.98 -22.29 -12.57
N PHE C 138 -15.63 -22.87 -11.54
CA PHE C 138 -14.93 -23.01 -10.28
C PHE C 138 -14.81 -24.47 -9.78
N LEU C 139 -15.96 -25.12 -9.45
CA LEU C 139 -16.11 -26.48 -8.94
C LEU C 139 -15.38 -27.56 -9.74
N SER C 140 -15.52 -27.55 -11.09
CA SER C 140 -14.83 -28.50 -11.96
C SER C 140 -13.34 -28.26 -11.83
N TYR C 141 -12.92 -26.99 -11.74
CA TYR C 141 -11.50 -26.69 -11.55
C TYR C 141 -11.00 -27.40 -10.28
N VAL C 142 -11.84 -27.45 -9.21
CA VAL C 142 -11.53 -28.08 -7.90
C VAL C 142 -11.46 -29.59 -8.04
N VAL C 143 -12.47 -30.20 -8.69
CA VAL C 143 -12.57 -31.64 -8.97
C VAL C 143 -11.34 -32.05 -9.80
N LEU C 144 -11.01 -31.25 -10.85
CA LEU C 144 -9.85 -31.51 -11.71
C LEU C 144 -8.56 -31.49 -10.91
N THR C 145 -8.44 -30.56 -9.93
CA THR C 145 -7.28 -30.41 -9.05
C THR C 145 -7.12 -31.61 -8.12
N VAL C 146 -8.20 -32.04 -7.46
CA VAL C 146 -8.19 -33.21 -6.56
C VAL C 146 -7.69 -34.47 -7.31
N ALA C 147 -8.24 -34.73 -8.51
CA ALA C 147 -7.90 -35.87 -9.36
C ALA C 147 -6.48 -35.84 -9.95
N ALA C 148 -5.88 -34.63 -10.08
CA ALA C 148 -4.55 -34.46 -10.67
C ALA C 148 -3.43 -34.39 -9.66
N LEU C 149 -3.76 -34.02 -8.41
CA LEU C 149 -2.83 -33.84 -7.29
C LEU C 149 -1.84 -35.00 -7.10
N PRO C 150 -2.25 -36.30 -7.05
CA PRO C 150 -1.25 -37.37 -6.89
C PRO C 150 -0.15 -37.38 -7.95
N MET C 151 -0.52 -37.20 -9.24
CA MET C 151 0.40 -37.20 -10.38
C MET C 151 1.32 -35.99 -10.37
N LEU C 152 0.77 -34.81 -10.00
CA LEU C 152 1.50 -33.57 -9.92
C LEU C 152 2.45 -33.60 -8.73
N LYS C 153 2.08 -34.33 -7.64
CA LYS C 153 2.93 -34.51 -6.45
C LYS C 153 4.15 -35.33 -6.84
N GLN C 154 3.96 -36.32 -7.72
CA GLN C 154 5.00 -37.22 -8.24
C GLN C 154 6.06 -36.48 -9.07
N SER C 155 5.61 -35.54 -9.91
CA SER C 155 6.46 -34.77 -10.82
C SER C 155 6.87 -33.39 -10.31
N ASN C 156 6.34 -32.98 -9.14
CA ASN C 156 6.52 -31.64 -8.53
C ASN C 156 6.02 -30.62 -9.57
N GLY C 157 4.81 -30.91 -10.04
CA GLY C 157 4.12 -30.20 -11.12
C GLY C 157 3.57 -28.84 -10.78
N SER C 158 2.78 -28.30 -11.73
CA SER C 158 2.19 -26.97 -11.69
C SER C 158 0.70 -26.99 -12.02
N ILE C 159 -0.06 -26.13 -11.35
CA ILE C 159 -1.47 -25.90 -11.60
C ILE C 159 -1.58 -24.47 -12.14
N VAL C 160 -2.18 -24.32 -13.32
CA VAL C 160 -2.37 -23.02 -13.95
C VAL C 160 -3.88 -22.73 -13.94
N VAL C 161 -4.29 -21.65 -13.26
CA VAL C 161 -5.69 -21.22 -13.18
C VAL C 161 -5.84 -19.92 -13.97
N VAL C 162 -6.54 -20.00 -15.11
CA VAL C 162 -6.79 -18.88 -16.01
C VAL C 162 -7.99 -18.09 -15.46
N SER C 163 -7.72 -16.89 -14.90
CA SER C 163 -8.75 -16.02 -14.32
C SER C 163 -8.92 -14.77 -15.19
N SER C 164 -9.29 -13.62 -14.60
CA SER C 164 -9.58 -12.36 -15.28
C SER C 164 -9.35 -11.19 -14.35
N LEU C 165 -9.34 -9.95 -14.91
CA LEU C 165 -9.29 -8.72 -14.12
C LEU C 165 -10.59 -8.65 -13.31
N ALA C 166 -11.71 -9.17 -13.92
CA ALA C 166 -13.02 -9.28 -13.30
C ALA C 166 -13.01 -10.33 -12.15
N GLY C 167 -11.84 -10.89 -11.88
CA GLY C 167 -11.58 -11.82 -10.79
C GLY C 167 -10.68 -11.19 -9.74
N LYS C 168 -10.46 -9.85 -9.86
CA LYS C 168 -9.65 -9.03 -8.95
C LYS C 168 -10.37 -7.73 -8.61
N VAL C 169 -11.03 -7.10 -9.59
CA VAL C 169 -11.78 -5.84 -9.40
C VAL C 169 -13.21 -6.01 -9.91
N ALA C 170 -14.15 -5.16 -9.47
CA ALA C 170 -15.55 -5.26 -9.90
C ALA C 170 -15.92 -4.51 -11.20
N TYR C 171 -16.72 -5.17 -12.03
CA TYR C 171 -17.23 -4.68 -13.30
C TYR C 171 -18.71 -4.95 -13.39
N PRO C 172 -19.52 -4.06 -13.99
CA PRO C 172 -20.94 -4.41 -14.19
C PRO C 172 -21.10 -5.38 -15.36
N MET C 173 -22.31 -6.00 -15.51
CA MET C 173 -22.76 -6.85 -16.61
C MET C 173 -22.17 -8.28 -16.67
N VAL C 174 -21.30 -8.64 -15.71
CA VAL C 174 -20.64 -9.96 -15.60
C VAL C 174 -20.65 -10.46 -14.13
N ALA C 175 -21.74 -10.19 -13.38
CA ALA C 175 -21.87 -10.49 -11.95
C ALA C 175 -21.54 -11.94 -11.54
N ALA C 176 -22.06 -12.95 -12.26
CA ALA C 176 -21.88 -14.38 -11.99
C ALA C 176 -20.49 -14.89 -12.34
N TYR C 177 -20.00 -14.46 -13.51
CA TYR C 177 -18.67 -14.77 -14.04
C TYR C 177 -17.59 -14.23 -13.08
N SER C 178 -17.79 -12.99 -12.57
CA SER C 178 -16.89 -12.32 -11.65
C SER C 178 -16.85 -13.03 -10.31
N ALA C 179 -18.02 -13.46 -9.83
CA ALA C 179 -18.14 -14.23 -8.60
C ALA C 179 -17.44 -15.57 -8.80
N SER C 180 -17.48 -16.11 -10.05
CA SER C 180 -16.84 -17.39 -10.36
C SER C 180 -15.33 -17.25 -10.36
N LYS C 181 -14.85 -16.12 -10.89
CA LYS C 181 -13.42 -15.83 -10.96
C LYS C 181 -12.80 -15.40 -9.61
N PHE C 182 -13.59 -14.73 -8.75
CA PHE C 182 -13.18 -14.30 -7.41
C PHE C 182 -13.03 -15.54 -6.53
N ALA C 183 -14.01 -16.47 -6.61
CA ALA C 183 -13.97 -17.77 -5.89
C ALA C 183 -12.65 -18.51 -6.13
N LEU C 184 -12.13 -18.44 -7.39
CA LEU C 184 -10.87 -19.10 -7.75
C LEU C 184 -9.71 -18.55 -6.97
N ASP C 185 -9.61 -17.22 -6.88
CA ASP C 185 -8.57 -16.53 -6.11
C ASP C 185 -8.62 -17.01 -4.63
N GLY C 186 -9.79 -16.99 -4.03
CA GLY C 186 -10.02 -17.41 -2.65
C GLY C 186 -9.60 -18.84 -2.37
N PHE C 187 -10.13 -19.79 -3.19
CA PHE C 187 -9.80 -21.20 -3.05
C PHE C 187 -8.34 -21.54 -3.37
N PHE C 188 -7.83 -21.15 -4.55
CA PHE C 188 -6.49 -21.54 -4.97
C PHE C 188 -5.35 -20.83 -4.22
N SER C 189 -5.54 -19.57 -3.75
CA SER C 189 -4.51 -18.87 -2.99
C SER C 189 -4.42 -19.45 -1.57
N SER C 190 -5.56 -19.95 -1.05
CA SER C 190 -5.66 -20.59 0.26
C SER C 190 -4.89 -21.94 0.27
N ILE C 191 -5.09 -22.79 -0.77
CA ILE C 191 -4.41 -24.08 -0.88
C ILE C 191 -2.91 -23.91 -1.20
N ARG C 192 -2.50 -22.75 -1.79
CA ARG C 192 -1.07 -22.44 -2.05
C ARG C 192 -0.36 -22.33 -0.69
N LYS C 193 -1.01 -21.61 0.26
CA LYS C 193 -0.53 -21.40 1.64
C LYS C 193 -0.52 -22.74 2.42
N GLU C 194 -1.39 -23.69 2.03
CA GLU C 194 -1.45 -25.03 2.63
C GLU C 194 -0.32 -25.92 2.09
N TYR C 195 -0.04 -25.82 0.78
CA TYR C 195 1.03 -26.57 0.12
C TYR C 195 2.40 -26.07 0.58
N SER C 196 2.48 -24.76 0.92
CA SER C 196 3.68 -24.09 1.40
C SER C 196 4.12 -24.68 2.76
N VAL C 197 3.16 -24.83 3.71
CA VAL C 197 3.43 -25.35 5.06
C VAL C 197 3.60 -26.87 5.08
N SER C 198 2.78 -27.62 4.33
CA SER C 198 2.82 -29.09 4.24
C SER C 198 3.86 -29.62 3.23
N ARG C 199 4.73 -28.71 2.72
CA ARG C 199 5.83 -28.97 1.78
C ARG C 199 5.39 -29.81 0.55
N VAL C 200 4.26 -29.39 -0.06
CA VAL C 200 3.72 -29.97 -1.28
C VAL C 200 4.31 -29.11 -2.40
N ASN C 201 5.22 -29.70 -3.19
CA ASN C 201 5.96 -29.03 -4.24
C ASN C 201 5.16 -28.90 -5.55
N VAL C 202 3.90 -28.47 -5.44
CA VAL C 202 3.02 -28.23 -6.59
C VAL C 202 2.70 -26.74 -6.61
N SER C 203 3.16 -26.04 -7.66
CA SER C 203 2.94 -24.59 -7.77
C SER C 203 1.53 -24.26 -8.29
N ILE C 204 1.03 -23.08 -7.90
CA ILE C 204 -0.26 -22.54 -8.26
C ILE C 204 -0.05 -21.18 -8.94
N THR C 205 -0.36 -21.08 -10.25
CA THR C 205 -0.24 -19.84 -11.02
C THR C 205 -1.62 -19.36 -11.43
N LEU C 206 -2.04 -18.21 -10.90
CA LEU C 206 -3.31 -17.56 -11.16
C LEU C 206 -3.09 -16.46 -12.21
N CYS C 207 -3.71 -16.60 -13.37
CA CYS C 207 -3.52 -15.66 -14.47
C CYS C 207 -4.63 -14.62 -14.56
N VAL C 208 -4.29 -13.36 -14.32
CA VAL C 208 -5.21 -12.23 -14.34
C VAL C 208 -5.12 -11.58 -15.72
N LEU C 209 -6.15 -11.81 -16.57
CA LEU C 209 -6.17 -11.33 -17.95
C LEU C 209 -7.21 -10.26 -18.21
N GLY C 210 -6.82 -9.28 -19.04
CA GLY C 210 -7.64 -8.20 -19.57
C GLY C 210 -8.37 -8.64 -20.81
N LEU C 211 -8.98 -7.71 -21.59
CA LEU C 211 -9.67 -8.08 -22.83
C LEU C 211 -8.70 -8.67 -23.84
N ILE C 212 -8.98 -9.93 -24.27
CA ILE C 212 -8.18 -10.71 -25.23
C ILE C 212 -8.99 -10.82 -26.56
N ASP C 213 -8.31 -10.81 -27.72
CA ASP C 213 -8.99 -10.84 -29.02
C ASP C 213 -9.45 -12.26 -29.50
N THR C 214 -10.24 -12.97 -28.69
CA THR C 214 -10.77 -14.28 -29.10
C THR C 214 -12.08 -14.04 -29.85
N GLU C 215 -12.49 -14.98 -30.71
CA GLU C 215 -13.72 -14.89 -31.50
C GLU C 215 -14.97 -14.73 -30.63
N THR C 216 -15.00 -15.38 -29.47
CA THR C 216 -16.11 -15.34 -28.51
C THR C 216 -16.18 -13.98 -27.81
N ALA C 217 -15.02 -13.46 -27.36
CA ALA C 217 -14.90 -12.18 -26.67
C ALA C 217 -15.31 -11.01 -27.53
N MET C 218 -14.79 -10.94 -28.75
CA MET C 218 -15.07 -9.89 -29.73
C MET C 218 -16.56 -9.81 -30.07
N LYS C 219 -17.22 -10.97 -30.18
CA LYS C 219 -18.65 -11.05 -30.47
C LYS C 219 -19.49 -10.66 -29.24
N ALA C 220 -19.05 -11.06 -28.02
CA ALA C 220 -19.79 -10.74 -26.80
C ALA C 220 -19.68 -9.29 -26.34
N VAL C 221 -18.56 -8.60 -26.71
CA VAL C 221 -18.29 -7.21 -26.29
C VAL C 221 -18.81 -6.17 -27.30
N SER C 222 -18.87 -6.54 -28.60
CA SER C 222 -19.30 -5.71 -29.73
C SER C 222 -20.63 -5.01 -29.50
N GLY C 223 -20.58 -3.67 -29.49
CA GLY C 223 -21.76 -2.82 -29.33
C GLY C 223 -22.12 -2.49 -27.90
N ILE C 224 -21.43 -3.12 -26.95
CA ILE C 224 -21.64 -2.91 -25.52
C ILE C 224 -20.44 -2.22 -24.88
N VAL C 225 -19.20 -2.63 -25.23
CA VAL C 225 -18.01 -2.04 -24.61
C VAL C 225 -16.92 -1.76 -25.66
N HIS C 226 -16.39 -0.52 -25.64
CA HIS C 226 -15.36 -0.05 -26.57
C HIS C 226 -13.97 0.03 -25.89
N MET C 227 -13.19 -1.08 -25.97
CA MET C 227 -11.86 -1.11 -25.33
C MET C 227 -10.83 -1.91 -26.14
N GLN C 228 -9.54 -1.67 -25.84
CA GLN C 228 -8.39 -2.32 -26.47
C GLN C 228 -8.21 -3.80 -26.04
N ALA C 229 -8.15 -4.70 -27.05
CA ALA C 229 -7.98 -6.14 -26.91
C ALA C 229 -6.53 -6.61 -27.20
N ALA C 230 -5.97 -7.35 -26.25
CA ALA C 230 -4.62 -7.88 -26.38
C ALA C 230 -4.56 -9.21 -27.21
N PRO C 231 -3.45 -9.51 -27.94
CA PRO C 231 -3.44 -10.70 -28.80
C PRO C 231 -3.43 -12.04 -28.07
N LYS C 232 -4.28 -12.97 -28.53
CA LYS C 232 -4.45 -14.32 -27.99
C LYS C 232 -3.17 -15.17 -28.01
N GLU C 233 -2.33 -14.98 -29.06
CA GLU C 233 -1.08 -15.71 -29.25
C GLU C 233 -0.10 -15.42 -28.11
N GLU C 234 0.21 -14.11 -27.87
CA GLU C 234 1.09 -13.66 -26.78
C GLU C 234 0.49 -13.99 -25.40
N CYS C 235 -0.85 -13.88 -25.26
CA CYS C 235 -1.57 -14.18 -24.02
C CYS C 235 -1.33 -15.63 -23.62
N ALA C 236 -1.45 -16.54 -24.62
CA ALA C 236 -1.23 -17.97 -24.44
C ALA C 236 0.19 -18.25 -23.94
N LEU C 237 1.20 -17.57 -24.54
CA LEU C 237 2.61 -17.71 -24.20
C LEU C 237 2.90 -17.23 -22.79
N GLU C 238 2.38 -16.05 -22.39
CA GLU C 238 2.61 -15.52 -21.04
C GLU C 238 2.06 -16.43 -19.94
N ILE C 239 0.91 -17.08 -20.19
CA ILE C 239 0.28 -18.04 -19.27
C ILE C 239 1.23 -19.25 -19.07
N ILE C 240 1.72 -19.85 -20.20
CA ILE C 240 2.67 -20.96 -20.20
C ILE C 240 3.97 -20.58 -19.47
N LYS C 241 4.50 -19.37 -19.75
CA LYS C 241 5.71 -18.79 -19.13
C LYS C 241 5.60 -18.76 -17.62
N GLY C 242 4.52 -18.17 -17.11
CA GLY C 242 4.25 -18.11 -15.67
C GLY C 242 4.15 -19.48 -15.01
N GLY C 243 3.52 -20.41 -15.73
CA GLY C 243 3.37 -21.79 -15.30
C GLY C 243 4.72 -22.43 -15.11
N ALA C 244 5.60 -22.28 -16.13
CA ALA C 244 6.97 -22.83 -16.17
C ALA C 244 7.90 -22.20 -15.13
N LEU C 245 7.82 -20.86 -14.94
CA LEU C 245 8.63 -20.12 -13.94
C LEU C 245 8.10 -20.28 -12.50
N ARG C 246 6.92 -20.94 -12.34
CA ARG C 246 6.25 -21.21 -11.05
C ARG C 246 5.92 -19.89 -10.31
N GLN C 247 5.47 -18.89 -11.09
CA GLN C 247 5.05 -17.58 -10.62
C GLN C 247 3.70 -17.72 -9.96
N GLU C 248 3.48 -17.05 -8.84
CA GLU C 248 2.22 -17.07 -8.10
C GLU C 248 1.08 -16.47 -8.95
N GLU C 249 1.38 -15.37 -9.66
CA GLU C 249 0.41 -14.60 -10.46
C GLU C 249 1.03 -14.06 -11.75
N VAL C 250 0.26 -14.09 -12.84
CA VAL C 250 0.65 -13.54 -14.13
C VAL C 250 -0.40 -12.50 -14.47
N TYR C 251 0.05 -11.30 -14.84
CA TYR C 251 -0.84 -10.22 -15.25
C TYR C 251 -0.58 -9.95 -16.73
N TYR C 252 -1.64 -10.02 -17.57
CA TYR C 252 -1.53 -9.74 -18.99
C TYR C 252 -2.72 -8.91 -19.51
N ASP C 253 -2.46 -7.62 -19.79
CA ASP C 253 -3.44 -6.65 -20.30
C ASP C 253 -2.78 -5.52 -21.14
N SER C 254 -3.55 -4.97 -22.11
CA SER C 254 -3.18 -3.90 -23.03
C SER C 254 -2.76 -2.61 -22.30
N SER C 255 -3.54 -2.17 -21.30
CA SER C 255 -3.29 -0.97 -20.51
C SER C 255 -2.10 -1.15 -19.57
N ARG C 256 -1.12 -0.21 -19.66
CA ARG C 256 0.06 -0.20 -18.79
C ARG C 256 -0.31 0.36 -17.40
N TRP C 257 -1.47 1.04 -17.31
CA TRP C 257 -2.01 1.59 -16.07
C TRP C 257 -2.56 0.47 -15.19
N THR C 258 -2.97 -0.65 -15.82
CA THR C 258 -3.49 -1.84 -15.16
C THR C 258 -2.38 -2.49 -14.36
N THR C 259 -1.29 -2.89 -15.02
CA THR C 259 -0.11 -3.54 -14.45
C THR C 259 0.41 -2.77 -13.21
N LEU C 260 0.39 -1.44 -13.31
CA LEU C 260 0.82 -0.47 -12.31
C LEU C 260 -0.07 -0.44 -11.04
N LEU C 261 -1.37 -0.78 -11.18
CA LEU C 261 -2.32 -0.72 -10.06
C LEU C 261 -2.93 -2.04 -9.61
N ILE C 262 -2.94 -3.07 -10.47
CA ILE C 262 -3.62 -4.35 -10.21
C ILE C 262 -3.07 -5.11 -9.00
N ARG C 263 -1.77 -5.04 -8.77
CA ARG C 263 -1.11 -5.74 -7.67
C ARG C 263 -1.55 -5.21 -6.30
N ASN C 264 -1.70 -6.12 -5.32
CA ASN C 264 -2.08 -5.71 -3.97
C ASN C 264 -0.96 -6.09 -2.97
N PRO C 265 0.04 -5.20 -2.82
CA PRO C 265 1.17 -5.50 -1.92
C PRO C 265 0.75 -5.55 -0.45
N CYS C 266 -0.29 -4.78 -0.08
CA CYS C 266 -0.88 -4.76 1.25
C CYS C 266 -1.44 -6.13 1.61
N ARG C 267 -1.99 -6.87 0.62
CA ARG C 267 -2.52 -8.23 0.80
C ARG C 267 -1.38 -9.20 1.16
N LYS C 268 -0.25 -9.14 0.43
CA LYS C 268 0.92 -9.99 0.69
C LYS C 268 1.49 -9.77 2.09
N ILE C 269 1.50 -8.50 2.56
CA ILE C 269 1.97 -8.07 3.87
C ILE C 269 1.05 -8.63 4.96
N LEU C 270 -0.28 -8.44 4.80
CA LEU C 270 -1.25 -8.94 5.76
C LEU C 270 -1.19 -10.45 5.92
N GLU C 271 -1.03 -11.20 4.79
CA GLU C 271 -0.90 -12.67 4.78
C GLU C 271 0.35 -13.10 5.55
N GLU C 272 1.46 -12.35 5.37
CA GLU C 272 2.73 -12.56 6.06
C GLU C 272 2.58 -12.34 7.57
N LEU C 273 1.79 -11.31 7.97
CA LEU C 273 1.52 -10.97 9.35
C LEU C 273 0.60 -11.97 10.06
N TYR C 274 -0.34 -12.58 9.32
CA TYR C 274 -1.27 -13.57 9.87
C TYR C 274 -0.71 -14.99 9.95
N SER C 275 0.33 -15.30 9.16
CA SER C 275 0.97 -16.62 9.14
C SER C 275 1.67 -16.97 10.47
N THR C 276 2.11 -15.94 11.21
CA THR C 276 2.78 -16.05 12.51
C THR C 276 1.80 -16.33 13.68
N SER C 277 0.49 -16.15 13.45
CA SER C 277 -0.58 -16.34 14.45
C SER C 277 -1.20 -17.74 14.43
N TYR C 278 -0.85 -18.54 13.41
CA TYR C 278 -1.28 -19.92 13.22
C TYR C 278 -0.05 -20.74 12.86
N ASN C 279 0.83 -20.99 13.85
CA ASN C 279 2.07 -21.76 13.63
C ASN C 279 2.39 -22.64 14.85
N MET C 280 2.66 -23.95 14.62
CA MET C 280 2.97 -24.89 15.70
C MET C 280 3.89 -26.05 15.26
N ASP C 281 3.49 -26.79 14.20
CA ASP C 281 4.22 -27.96 13.70
C ASP C 281 5.14 -27.67 12.50
N ARG C 282 6.45 -27.70 12.74
CA ARG C 282 7.52 -27.50 11.75
C ARG C 282 8.78 -28.27 12.21
N PHE C 283 9.26 -27.98 13.46
CA PHE C 283 10.44 -28.57 14.12
C PHE C 283 11.71 -28.50 13.25
N GLU D 19 -23.02 10.08 6.90
CA GLU D 19 -21.78 10.60 7.47
C GLU D 19 -21.65 10.27 8.97
N GLU D 20 -22.72 10.45 9.78
CA GLU D 20 -22.73 10.10 11.21
C GLU D 20 -23.97 9.29 11.57
N PHE D 21 -23.76 8.12 12.23
CA PHE D 21 -24.83 7.21 12.63
C PHE D 21 -25.68 7.70 13.81
N ARG D 22 -26.98 7.37 13.75
CA ARG D 22 -27.98 7.64 14.78
C ARG D 22 -28.82 6.37 15.03
N PRO D 23 -29.05 5.96 16.30
CA PRO D 23 -29.88 4.75 16.55
C PRO D 23 -31.32 4.89 16.01
N GLU D 24 -31.82 6.14 15.93
CA GLU D 24 -33.16 6.51 15.44
C GLU D 24 -33.32 6.25 13.94
N MET D 25 -32.20 5.98 13.22
CA MET D 25 -32.21 5.66 11.80
C MET D 25 -32.91 4.32 11.56
N LEU D 26 -32.88 3.42 12.58
CA LEU D 26 -33.48 2.09 12.54
C LEU D 26 -34.86 2.01 13.22
N GLN D 27 -35.31 3.11 13.84
CA GLN D 27 -36.61 3.22 14.50
C GLN D 27 -37.74 3.02 13.48
N GLY D 28 -38.48 1.92 13.65
CA GLY D 28 -39.59 1.53 12.79
C GLY D 28 -39.20 0.96 11.44
N LYS D 29 -37.94 0.53 11.30
CA LYS D 29 -37.46 -0.03 10.04
C LYS D 29 -37.70 -1.52 9.95
N LYS D 30 -38.08 -1.99 8.74
CA LYS D 30 -38.38 -3.40 8.47
C LYS D 30 -37.08 -4.10 8.06
N VAL D 31 -36.55 -4.98 8.94
CA VAL D 31 -35.26 -5.64 8.74
C VAL D 31 -35.35 -7.17 8.78
N ILE D 32 -34.63 -7.84 7.85
CA ILE D 32 -34.47 -9.29 7.82
C ILE D 32 -33.06 -9.59 8.35
N VAL D 33 -32.93 -10.53 9.30
CA VAL D 33 -31.63 -10.95 9.83
C VAL D 33 -31.51 -12.48 9.67
N THR D 34 -30.63 -12.94 8.77
CA THR D 34 -30.44 -14.39 8.59
C THR D 34 -29.36 -14.82 9.55
N GLY D 35 -29.34 -16.11 9.87
CA GLY D 35 -28.39 -16.68 10.83
C GLY D 35 -28.44 -15.93 12.15
N ALA D 36 -29.66 -15.65 12.63
CA ALA D 36 -29.87 -14.85 13.83
C ALA D 36 -30.35 -15.63 15.07
N SER D 37 -30.12 -16.94 15.12
CA SER D 37 -30.46 -17.72 16.30
C SER D 37 -29.33 -17.57 17.32
N LYS D 38 -28.07 -17.37 16.83
CA LYS D 38 -26.88 -17.21 17.67
C LYS D 38 -25.77 -16.37 16.98
N GLY D 39 -24.72 -16.05 17.75
CA GLY D 39 -23.59 -15.24 17.32
C GLY D 39 -23.92 -13.80 16.97
N ILE D 40 -23.23 -13.27 15.94
CA ILE D 40 -23.38 -11.89 15.41
C ILE D 40 -24.82 -11.59 15.00
N GLY D 41 -25.47 -12.55 14.34
CA GLY D 41 -26.86 -12.44 13.89
C GLY D 41 -27.86 -12.10 14.97
N ARG D 42 -27.75 -12.83 16.10
CA ARG D 42 -28.58 -12.63 17.29
C ARG D 42 -28.32 -11.25 17.91
N GLU D 43 -27.03 -10.85 18.02
CA GLU D 43 -26.61 -9.56 18.56
C GLU D 43 -27.14 -8.40 17.70
N MET D 44 -27.20 -8.59 16.36
CA MET D 44 -27.73 -7.59 15.42
C MET D 44 -29.22 -7.40 15.66
N ALA D 45 -29.96 -8.54 15.79
CA ALA D 45 -31.40 -8.58 16.08
C ALA D 45 -31.68 -7.84 17.40
N TYR D 46 -30.84 -8.10 18.45
CA TYR D 46 -30.93 -7.46 19.75
C TYR D 46 -30.73 -5.95 19.64
N HIS D 47 -29.65 -5.49 18.95
CA HIS D 47 -29.37 -4.07 18.71
C HIS D 47 -30.53 -3.38 18.00
N LEU D 48 -31.08 -4.04 16.95
CA LEU D 48 -32.22 -3.55 16.14
C LEU D 48 -33.49 -3.42 16.99
N ALA D 49 -33.73 -4.39 17.90
CA ALA D 49 -34.86 -4.42 18.83
C ALA D 49 -34.80 -3.18 19.78
N LYS D 50 -33.61 -2.84 20.31
CA LYS D 50 -33.40 -1.67 21.17
C LYS D 50 -33.70 -0.36 20.42
N MET D 51 -33.40 -0.33 19.10
CA MET D 51 -33.60 0.81 18.19
C MET D 51 -35.06 1.03 17.78
N GLY D 52 -35.93 0.07 18.13
CA GLY D 52 -37.36 0.11 17.83
C GLY D 52 -37.70 -0.31 16.42
N ALA D 53 -36.90 -1.24 15.87
CA ALA D 53 -37.08 -1.76 14.52
C ALA D 53 -37.97 -2.99 14.48
N HIS D 54 -38.65 -3.20 13.35
CA HIS D 54 -39.46 -4.39 13.10
C HIS D 54 -38.44 -5.42 12.59
N VAL D 55 -38.44 -6.64 13.18
CA VAL D 55 -37.47 -7.65 12.78
C VAL D 55 -38.09 -9.00 12.44
N VAL D 56 -37.46 -9.71 11.49
CA VAL D 56 -37.79 -11.08 11.10
C VAL D 56 -36.47 -11.84 11.06
N VAL D 57 -36.29 -12.78 12.01
CA VAL D 57 -35.08 -13.59 12.14
C VAL D 57 -35.26 -14.99 11.57
N THR D 58 -34.18 -15.60 11.07
CA THR D 58 -34.21 -16.95 10.49
C THR D 58 -32.93 -17.71 10.78
N ALA D 59 -33.09 -19.05 10.83
CA ALA D 59 -32.13 -20.11 11.11
C ALA D 59 -32.92 -21.43 11.05
N ARG D 60 -32.24 -22.58 11.22
CA ARG D 60 -32.90 -23.90 11.19
C ARG D 60 -33.70 -24.22 12.47
N SER D 61 -33.19 -23.82 13.65
CA SER D 61 -33.76 -24.14 14.96
C SER D 61 -34.90 -23.21 15.40
N LYS D 62 -36.12 -23.77 15.46
CA LYS D 62 -37.36 -23.10 15.88
C LYS D 62 -37.21 -22.53 17.29
N GLU D 63 -36.83 -23.41 18.22
CA GLU D 63 -36.65 -23.20 19.65
C GLU D 63 -35.69 -22.06 19.96
N THR D 64 -34.51 -22.05 19.31
CA THR D 64 -33.50 -21.00 19.52
C THR D 64 -33.97 -19.68 18.90
N LEU D 65 -34.73 -19.74 17.78
CA LEU D 65 -35.28 -18.55 17.14
C LEU D 65 -36.40 -17.94 17.99
N GLN D 66 -37.16 -18.79 18.69
CA GLN D 66 -38.25 -18.42 19.61
C GLN D 66 -37.74 -17.57 20.79
N LYS D 67 -36.54 -17.91 21.33
CA LYS D 67 -35.94 -17.17 22.46
C LYS D 67 -35.50 -15.77 22.01
N VAL D 68 -34.78 -15.69 20.87
CA VAL D 68 -34.29 -14.46 20.25
C VAL D 68 -35.47 -13.49 20.03
N VAL D 69 -36.65 -14.02 19.61
CA VAL D 69 -37.89 -13.25 19.40
C VAL D 69 -38.42 -12.68 20.74
N SER D 70 -38.51 -13.54 21.79
CA SER D 70 -38.97 -13.20 23.16
C SER D 70 -38.18 -12.04 23.77
N HIS D 71 -36.83 -12.10 23.65
CA HIS D 71 -35.93 -11.08 24.17
C HIS D 71 -35.99 -9.81 23.35
N CYS D 72 -36.14 -9.96 22.00
CA CYS D 72 -36.28 -8.83 21.07
C CYS D 72 -37.44 -7.93 21.46
N LEU D 73 -38.62 -8.53 21.74
CA LEU D 73 -39.82 -7.81 22.21
C LEU D 73 -39.51 -7.07 23.51
N GLU D 74 -38.94 -7.78 24.51
CA GLU D 74 -38.54 -7.23 25.81
C GLU D 74 -37.56 -6.05 25.66
N LEU D 75 -36.69 -6.11 24.63
CA LEU D 75 -35.74 -5.05 24.34
C LEU D 75 -36.36 -3.82 23.72
N GLY D 76 -37.51 -3.99 23.06
CA GLY D 76 -38.25 -2.90 22.43
C GLY D 76 -38.53 -3.03 20.94
N ALA D 77 -38.44 -4.24 20.38
CA ALA D 77 -38.70 -4.44 18.96
C ALA D 77 -40.12 -4.03 18.61
N ALA D 78 -40.28 -3.23 17.53
CA ALA D 78 -41.58 -2.76 17.04
C ALA D 78 -42.53 -3.92 16.71
N SER D 79 -41.94 -5.07 16.32
CA SER D 79 -42.56 -6.36 16.01
C SER D 79 -41.42 -7.37 15.81
N ALA D 80 -41.57 -8.57 16.35
CA ALA D 80 -40.54 -9.59 16.25
C ALA D 80 -41.15 -10.91 15.79
N HIS D 81 -40.52 -11.53 14.76
CA HIS D 81 -40.98 -12.79 14.19
C HIS D 81 -39.82 -13.70 13.77
N TYR D 82 -40.12 -14.99 13.59
CA TYR D 82 -39.15 -15.97 13.10
C TYR D 82 -39.81 -16.89 12.11
N ILE D 83 -39.02 -17.38 11.14
CA ILE D 83 -39.44 -18.38 10.15
C ILE D 83 -38.27 -19.35 10.06
N ALA D 84 -38.41 -20.54 10.66
CA ALA D 84 -37.37 -21.57 10.66
C ALA D 84 -37.31 -22.35 9.33
N GLY D 85 -36.09 -22.62 8.87
CA GLY D 85 -35.82 -23.37 7.65
C GLY D 85 -34.35 -23.33 7.30
N THR D 86 -33.93 -24.20 6.37
CA THR D 86 -32.53 -24.26 5.96
C THR D 86 -32.27 -23.47 4.65
N MET D 87 -31.08 -22.90 4.54
CA MET D 87 -30.70 -22.12 3.39
C MET D 87 -30.09 -22.98 2.25
N GLU D 88 -30.06 -24.32 2.43
CA GLU D 88 -29.62 -25.28 1.39
C GLU D 88 -30.74 -25.41 0.35
N ASP D 89 -32.01 -25.23 0.80
CA ASP D 89 -33.22 -25.28 0.00
C ASP D 89 -33.52 -23.88 -0.57
N MET D 90 -33.34 -23.72 -1.90
CA MET D 90 -33.52 -22.45 -2.62
C MET D 90 -34.99 -22.01 -2.64
N THR D 91 -35.93 -22.98 -2.57
CA THR D 91 -37.36 -22.73 -2.51
C THR D 91 -37.70 -22.07 -1.16
N PHE D 92 -37.12 -22.57 -0.05
CA PHE D 92 -37.34 -21.99 1.28
C PHE D 92 -36.88 -20.53 1.34
N ALA D 93 -35.61 -20.27 0.89
CA ALA D 93 -35.01 -18.93 0.88
C ALA D 93 -35.90 -17.91 0.17
N GLU D 94 -36.38 -18.27 -1.04
CA GLU D 94 -37.26 -17.46 -1.88
C GLU D 94 -38.62 -17.21 -1.20
N GLN D 95 -39.18 -18.24 -0.56
CA GLN D 95 -40.48 -18.16 0.13
C GLN D 95 -40.44 -17.39 1.45
N PHE D 96 -39.28 -17.45 2.16
CA PHE D 96 -39.06 -16.78 3.43
C PHE D 96 -39.16 -15.25 3.29
N VAL D 97 -38.50 -14.69 2.27
CA VAL D 97 -38.49 -13.26 1.98
C VAL D 97 -39.91 -12.71 1.72
N ALA D 98 -40.70 -13.42 0.87
CA ALA D 98 -42.08 -13.06 0.55
C ALA D 98 -42.96 -13.09 1.83
N GLN D 99 -42.72 -14.08 2.72
CA GLN D 99 -43.45 -14.25 3.97
C GLN D 99 -43.03 -13.22 5.03
N ALA D 100 -41.73 -12.91 5.14
CA ALA D 100 -41.20 -11.94 6.11
C ALA D 100 -41.68 -10.54 5.72
N GLY D 101 -41.71 -10.28 4.40
CA GLY D 101 -42.20 -9.03 3.83
C GLY D 101 -43.68 -8.86 4.03
N LYS D 102 -44.43 -9.97 4.09
CA LYS D 102 -45.88 -10.00 4.32
C LYS D 102 -46.19 -9.63 5.78
N LEU D 103 -45.35 -10.12 6.73
CA LEU D 103 -45.48 -9.87 8.17
C LEU D 103 -45.12 -8.43 8.59
N MET D 104 -44.32 -7.72 7.77
CA MET D 104 -43.87 -6.35 8.08
C MET D 104 -44.45 -5.29 7.13
N GLY D 105 -45.09 -5.75 6.05
CA GLY D 105 -45.64 -4.87 5.03
C GLY D 105 -44.54 -4.09 4.34
N GLY D 106 -43.52 -4.80 3.86
CA GLY D 106 -42.36 -4.22 3.20
C GLY D 106 -41.03 -4.63 3.81
N LEU D 107 -39.95 -4.03 3.29
CA LEU D 107 -38.58 -4.31 3.74
C LEU D 107 -37.65 -3.13 3.45
N ASP D 108 -36.88 -2.70 4.47
CA ASP D 108 -35.93 -1.59 4.38
C ASP D 108 -34.48 -2.08 4.40
N MET D 109 -34.20 -3.20 5.10
CA MET D 109 -32.84 -3.73 5.17
C MET D 109 -32.82 -5.26 5.17
N LEU D 110 -31.94 -5.82 4.33
CA LEU D 110 -31.75 -7.28 4.19
C LEU D 110 -30.35 -7.63 4.68
N ILE D 111 -30.26 -8.23 5.89
CA ILE D 111 -28.97 -8.63 6.48
C ILE D 111 -28.70 -10.11 6.23
N LEU D 112 -27.75 -10.38 5.34
CA LEU D 112 -27.35 -11.72 4.95
C LEU D 112 -26.12 -12.08 5.77
N ASN D 113 -26.31 -12.91 6.81
CA ASN D 113 -25.31 -13.30 7.81
C ASN D 113 -25.00 -14.81 7.90
N HIS D 114 -26.01 -15.68 7.72
CA HIS D 114 -25.89 -17.13 7.86
C HIS D 114 -24.72 -17.78 7.06
N ILE D 115 -24.23 -18.93 7.54
CA ILE D 115 -23.21 -19.76 6.88
C ILE D 115 -23.46 -21.25 7.17
N THR D 116 -22.89 -22.14 6.34
CA THR D 116 -22.98 -23.59 6.58
C THR D 116 -21.96 -23.88 7.69
N ASN D 117 -22.15 -24.97 8.45
CA ASN D 117 -21.22 -25.33 9.53
C ASN D 117 -19.83 -25.61 8.96
N THR D 118 -18.81 -24.95 9.51
CA THR D 118 -17.46 -25.09 8.94
C THR D 118 -16.42 -25.11 10.06
N SER D 119 -15.30 -25.79 9.77
CA SER D 119 -14.18 -25.97 10.69
C SER D 119 -12.84 -25.80 9.95
N LEU D 120 -11.74 -25.64 10.70
CA LEU D 120 -10.40 -25.47 10.15
C LEU D 120 -9.84 -26.85 9.82
N ASN D 121 -9.56 -27.07 8.53
CA ASN D 121 -9.04 -28.30 7.95
C ASN D 121 -8.35 -28.01 6.64
N LEU D 122 -7.24 -28.74 6.36
CA LEU D 122 -6.52 -28.63 5.09
C LEU D 122 -7.41 -29.27 4.04
N PHE D 123 -7.41 -28.72 2.83
CA PHE D 123 -8.20 -29.27 1.75
C PHE D 123 -7.56 -30.53 1.13
N HIS D 124 -8.38 -31.59 0.96
CA HIS D 124 -7.93 -32.84 0.36
C HIS D 124 -8.78 -33.27 -0.80
N ASP D 125 -10.04 -33.64 -0.53
CA ASP D 125 -11.00 -34.17 -1.50
C ASP D 125 -12.48 -33.90 -1.15
N ASP D 126 -12.74 -33.02 -0.14
CA ASP D 126 -14.09 -32.73 0.34
C ASP D 126 -14.85 -31.75 -0.58
N ILE D 127 -15.26 -32.23 -1.78
CA ILE D 127 -15.99 -31.45 -2.78
C ILE D 127 -17.40 -31.11 -2.27
N HIS D 128 -18.01 -31.99 -1.45
CA HIS D 128 -19.34 -31.80 -0.85
C HIS D 128 -19.35 -30.57 0.04
N HIS D 129 -18.24 -30.32 0.79
CA HIS D 129 -18.10 -29.13 1.61
C HIS D 129 -17.85 -27.87 0.75
N VAL D 130 -17.15 -28.01 -0.40
CA VAL D 130 -16.91 -26.89 -1.33
C VAL D 130 -18.24 -26.46 -1.95
N ARG D 131 -19.04 -27.44 -2.46
CA ARG D 131 -20.34 -27.21 -3.07
C ARG D 131 -21.31 -26.60 -2.08
N LYS D 132 -21.45 -27.20 -0.90
CA LYS D 132 -22.34 -26.75 0.17
C LYS D 132 -21.96 -25.34 0.64
N SER D 133 -20.64 -25.05 0.74
CA SER D 133 -20.14 -23.71 1.11
C SER D 133 -20.59 -22.70 0.06
N MET D 134 -20.55 -23.06 -1.24
CA MET D 134 -21.00 -22.17 -2.31
C MET D 134 -22.51 -21.98 -2.31
N GLU D 135 -23.29 -23.06 -2.04
CA GLU D 135 -24.75 -23.07 -2.00
C GLU D 135 -25.33 -22.25 -0.84
N VAL D 136 -24.83 -22.49 0.37
CA VAL D 136 -25.30 -21.80 1.56
C VAL D 136 -24.71 -20.39 1.71
N ASN D 137 -23.35 -20.27 1.71
CA ASN D 137 -22.66 -18.99 1.95
C ASN D 137 -22.76 -17.99 0.80
N PHE D 138 -23.12 -18.43 -0.42
CA PHE D 138 -23.16 -17.51 -1.56
C PHE D 138 -24.47 -17.59 -2.37
N LEU D 139 -24.79 -18.76 -2.96
CA LEU D 139 -25.95 -19.00 -3.81
C LEU D 139 -27.28 -18.57 -3.17
N SER D 140 -27.51 -18.97 -1.91
CA SER D 140 -28.73 -18.59 -1.16
C SER D 140 -28.82 -17.08 -0.93
N TYR D 141 -27.65 -16.39 -0.75
CA TYR D 141 -27.58 -14.93 -0.58
C TYR D 141 -28.12 -14.26 -1.85
N VAL D 142 -27.76 -14.81 -3.05
CA VAL D 142 -28.18 -14.34 -4.37
C VAL D 142 -29.68 -14.56 -4.55
N VAL D 143 -30.19 -15.75 -4.16
CA VAL D 143 -31.61 -16.11 -4.22
C VAL D 143 -32.41 -15.14 -3.33
N LEU D 144 -31.92 -14.89 -2.09
CA LEU D 144 -32.55 -13.98 -1.11
C LEU D 144 -32.61 -12.54 -1.65
N THR D 145 -31.56 -12.11 -2.37
CA THR D 145 -31.44 -10.78 -2.98
C THR D 145 -32.49 -10.60 -4.10
N VAL D 146 -32.62 -11.60 -5.00
CA VAL D 146 -33.57 -11.57 -6.11
C VAL D 146 -34.99 -11.37 -5.59
N ALA D 147 -35.39 -12.18 -4.57
CA ALA D 147 -36.70 -12.17 -3.95
C ALA D 147 -37.01 -10.90 -3.15
N ALA D 148 -35.98 -10.20 -2.65
CA ALA D 148 -36.14 -8.99 -1.82
C ALA D 148 -36.08 -7.69 -2.61
N LEU D 149 -35.41 -7.71 -3.78
CA LEU D 149 -35.18 -6.57 -4.66
C LEU D 149 -36.44 -5.73 -4.94
N PRO D 150 -37.62 -6.29 -5.34
CA PRO D 150 -38.80 -5.42 -5.56
C PRO D 150 -39.18 -4.57 -4.34
N MET D 151 -39.19 -5.16 -3.12
CA MET D 151 -39.54 -4.48 -1.88
C MET D 151 -38.52 -3.42 -1.49
N LEU D 152 -37.21 -3.74 -1.68
CA LEU D 152 -36.11 -2.84 -1.38
C LEU D 152 -36.08 -1.69 -2.38
N LYS D 153 -36.52 -1.93 -3.63
CA LYS D 153 -36.63 -0.92 -4.68
C LYS D 153 -37.70 0.10 -4.29
N GLN D 154 -38.78 -0.38 -3.67
CA GLN D 154 -39.92 0.41 -3.19
C GLN D 154 -39.52 1.37 -2.04
N SER D 155 -38.69 0.89 -1.11
CA SER D 155 -38.27 1.65 0.08
C SER D 155 -36.88 2.32 -0.06
N ASN D 156 -36.19 2.10 -1.21
CA ASN D 156 -34.82 2.56 -1.47
C ASN D 156 -33.94 2.01 -0.33
N GLY D 157 -34.10 0.69 -0.13
CA GLY D 157 -33.49 -0.09 0.92
C GLY D 157 -32.02 -0.37 0.80
N SER D 158 -31.55 -1.27 1.69
CA SER D 158 -30.15 -1.66 1.81
C SER D 158 -29.98 -3.17 1.89
N ILE D 159 -28.88 -3.67 1.32
CA ILE D 159 -28.48 -5.06 1.35
C ILE D 159 -27.17 -5.08 2.15
N VAL D 160 -27.13 -5.87 3.22
CA VAL D 160 -25.95 -6.04 4.08
C VAL D 160 -25.41 -7.46 3.87
N VAL D 161 -24.14 -7.56 3.45
CA VAL D 161 -23.47 -8.83 3.18
C VAL D 161 -22.36 -9.00 4.19
N VAL D 162 -22.53 -9.95 5.11
CA VAL D 162 -21.56 -10.26 6.16
C VAL D 162 -20.51 -11.22 5.58
N SER D 163 -19.28 -10.72 5.39
CA SER D 163 -18.15 -11.46 4.86
C SER D 163 -17.05 -11.64 5.93
N SER D 164 -15.76 -11.71 5.53
CA SER D 164 -14.61 -11.96 6.41
C SER D 164 -13.32 -11.41 5.78
N LEU D 165 -12.22 -11.36 6.56
CA LEU D 165 -10.91 -11.00 6.07
C LEU D 165 -10.47 -12.08 5.05
N ALA D 166 -10.90 -13.35 5.30
CA ALA D 166 -10.66 -14.50 4.42
C ALA D 166 -11.48 -14.36 3.10
N GLY D 167 -12.23 -13.26 3.01
CA GLY D 167 -12.99 -12.88 1.83
C GLY D 167 -12.32 -11.72 1.10
N LYS D 168 -11.06 -11.37 1.52
CA LYS D 168 -10.23 -10.30 0.96
C LYS D 168 -8.78 -10.77 0.74
N VAL D 169 -8.23 -11.54 1.70
CA VAL D 169 -6.87 -12.08 1.63
C VAL D 169 -6.91 -13.60 1.83
N ALA D 170 -5.84 -14.32 1.44
CA ALA D 170 -5.76 -15.78 1.55
C ALA D 170 -5.21 -16.31 2.88
N TYR D 171 -5.88 -17.34 3.40
CA TYR D 171 -5.54 -18.02 4.65
C TYR D 171 -5.59 -19.51 4.43
N PRO D 172 -4.72 -20.31 5.06
CA PRO D 172 -4.87 -21.77 4.92
C PRO D 172 -6.00 -22.27 5.83
N MET D 173 -6.44 -23.53 5.63
CA MET D 173 -7.42 -24.30 6.45
C MET D 173 -8.89 -23.88 6.29
N VAL D 174 -9.16 -22.91 5.42
CA VAL D 174 -10.49 -22.39 5.12
C VAL D 174 -10.66 -22.15 3.61
N ALA D 175 -10.15 -23.05 2.75
CA ALA D 175 -10.21 -22.92 1.29
C ALA D 175 -11.63 -22.78 0.71
N ALA D 176 -12.59 -23.63 1.13
CA ALA D 176 -13.98 -23.59 0.64
C ALA D 176 -14.71 -22.35 1.15
N TYR D 177 -14.53 -22.02 2.43
CA TYR D 177 -15.17 -20.88 3.06
C TYR D 177 -14.58 -19.57 2.48
N SER D 178 -13.27 -19.53 2.21
CA SER D 178 -12.55 -18.40 1.63
C SER D 178 -13.17 -18.05 0.23
N ALA D 179 -13.26 -19.05 -0.68
CA ALA D 179 -13.83 -19.00 -2.03
C ALA D 179 -15.25 -18.46 -2.01
N SER D 180 -16.10 -19.04 -1.13
CA SER D 180 -17.48 -18.57 -0.99
C SER D 180 -17.53 -17.09 -0.59
N LYS D 181 -16.66 -16.69 0.37
CA LYS D 181 -16.59 -15.30 0.84
C LYS D 181 -16.09 -14.36 -0.21
N PHE D 182 -15.12 -14.81 -1.02
CA PHE D 182 -14.57 -14.09 -2.18
C PHE D 182 -15.64 -13.94 -3.27
N ALA D 183 -16.42 -15.01 -3.56
CA ALA D 183 -17.51 -14.98 -4.53
C ALA D 183 -18.52 -13.85 -4.21
N LEU D 184 -18.86 -13.64 -2.92
CA LEU D 184 -19.74 -12.56 -2.45
C LEU D 184 -19.23 -11.18 -2.89
N ASP D 185 -17.91 -10.91 -2.70
CA ASP D 185 -17.26 -9.67 -3.12
C ASP D 185 -17.43 -9.46 -4.63
N GLY D 186 -17.09 -10.46 -5.44
CA GLY D 186 -17.21 -10.44 -6.88
C GLY D 186 -18.63 -10.21 -7.38
N PHE D 187 -19.60 -10.98 -6.87
CA PHE D 187 -21.00 -10.84 -7.26
C PHE D 187 -21.64 -9.53 -6.78
N PHE D 188 -21.56 -9.22 -5.47
CA PHE D 188 -22.22 -8.04 -4.93
C PHE D 188 -21.56 -6.69 -5.31
N SER D 189 -20.23 -6.63 -5.54
CA SER D 189 -19.57 -5.39 -5.96
C SER D 189 -19.91 -5.10 -7.43
N SER D 190 -20.11 -6.16 -8.23
CA SER D 190 -20.48 -6.08 -9.65
C SER D 190 -21.90 -5.50 -9.81
N ILE D 191 -22.88 -6.02 -9.02
CA ILE D 191 -24.27 -5.54 -9.08
C ILE D 191 -24.40 -4.12 -8.48
N ARG D 192 -23.45 -3.68 -7.60
CA ARG D 192 -23.44 -2.32 -7.05
C ARG D 192 -23.20 -1.34 -8.20
N LYS D 193 -22.23 -1.67 -9.09
CA LYS D 193 -21.86 -0.92 -10.28
C LYS D 193 -23.01 -0.93 -11.31
N GLU D 194 -23.85 -1.99 -11.30
CA GLU D 194 -25.04 -2.11 -12.16
C GLU D 194 -26.17 -1.23 -11.62
N TYR D 195 -26.36 -1.20 -10.28
CA TYR D 195 -27.39 -0.39 -9.63
C TYR D 195 -27.08 1.09 -9.77
N SER D 196 -25.78 1.42 -9.80
CA SER D 196 -25.24 2.77 -9.93
C SER D 196 -25.65 3.38 -11.30
N VAL D 197 -25.45 2.62 -12.41
CA VAL D 197 -25.77 3.05 -13.78
C VAL D 197 -27.27 2.99 -14.09
N SER D 198 -27.97 1.93 -13.63
CA SER D 198 -29.41 1.73 -13.86
C SER D 198 -30.30 2.47 -12.84
N ARG D 199 -29.68 3.36 -12.04
CA ARG D 199 -30.31 4.21 -11.01
C ARG D 199 -31.25 3.43 -10.06
N VAL D 200 -30.73 2.29 -9.54
CA VAL D 200 -31.42 1.46 -8.56
C VAL D 200 -30.88 1.95 -7.20
N ASN D 201 -31.77 2.58 -6.42
CA ASN D 201 -31.44 3.20 -5.14
C ASN D 201 -31.38 2.20 -3.98
N VAL D 202 -30.72 1.04 -4.21
CA VAL D 202 -30.56 -0.01 -3.20
C VAL D 202 -29.08 -0.13 -2.91
N SER D 203 -28.66 0.19 -1.68
CA SER D 203 -27.25 0.14 -1.30
C SER D 203 -26.77 -1.27 -0.99
N ILE D 204 -25.46 -1.50 -1.19
CA ILE D 204 -24.78 -2.77 -0.97
C ILE D 204 -23.63 -2.52 0.00
N THR D 205 -23.69 -3.14 1.19
CA THR D 205 -22.65 -2.97 2.20
C THR D 205 -22.07 -4.31 2.53
N LEU D 206 -20.78 -4.45 2.23
CA LEU D 206 -20.04 -5.68 2.47
C LEU D 206 -19.22 -5.49 3.74
N CYS D 207 -19.28 -6.47 4.66
CA CYS D 207 -18.60 -6.37 5.94
C CYS D 207 -17.45 -7.31 6.05
N VAL D 208 -16.28 -6.77 6.20
CA VAL D 208 -15.05 -7.54 6.29
C VAL D 208 -14.69 -7.65 7.76
N LEU D 209 -14.87 -8.85 8.35
CA LEU D 209 -14.65 -9.08 9.75
C LEU D 209 -13.48 -10.00 10.06
N GLY D 210 -12.77 -9.67 11.13
CA GLY D 210 -11.71 -10.49 11.70
C GLY D 210 -12.32 -11.35 12.77
N LEU D 211 -11.52 -11.99 13.63
CA LEU D 211 -12.03 -12.86 14.69
C LEU D 211 -13.02 -12.19 15.64
N ILE D 212 -14.18 -12.83 15.83
CA ILE D 212 -15.26 -12.37 16.70
C ILE D 212 -15.45 -13.44 17.77
N ASP D 213 -15.65 -13.04 19.02
CA ASP D 213 -15.80 -13.97 20.14
C ASP D 213 -17.18 -14.70 20.18
N THR D 214 -17.58 -15.35 19.09
CA THR D 214 -18.83 -16.15 19.11
C THR D 214 -18.48 -17.54 19.63
N GLU D 215 -19.47 -18.25 20.19
CA GLU D 215 -19.31 -19.59 20.74
C GLU D 215 -18.75 -20.59 19.73
N THR D 216 -19.20 -20.48 18.46
CA THR D 216 -18.79 -21.34 17.36
C THR D 216 -17.34 -21.06 16.96
N ALA D 217 -16.98 -19.77 16.82
CA ALA D 217 -15.63 -19.32 16.44
C ALA D 217 -14.57 -19.75 17.43
N MET D 218 -14.81 -19.48 18.72
CA MET D 218 -13.90 -19.81 19.83
C MET D 218 -13.61 -21.29 19.91
N LYS D 219 -14.64 -22.12 19.70
CA LYS D 219 -14.51 -23.57 19.70
C LYS D 219 -13.76 -24.08 18.45
N ALA D 220 -14.02 -23.47 17.28
CA ALA D 220 -13.39 -23.90 16.02
C ALA D 220 -11.92 -23.47 15.87
N VAL D 221 -11.49 -22.33 16.46
CA VAL D 221 -10.10 -21.85 16.33
C VAL D 221 -9.19 -22.33 17.48
N SER D 222 -9.76 -22.65 18.67
CA SER D 222 -9.05 -23.13 19.87
C SER D 222 -8.00 -24.22 19.60
N GLY D 223 -6.73 -23.86 19.83
CA GLY D 223 -5.58 -24.74 19.66
C GLY D 223 -5.01 -24.80 18.25
N ILE D 224 -5.64 -24.09 17.29
CA ILE D 224 -5.20 -24.07 15.90
C ILE D 224 -4.69 -22.68 15.50
N VAL D 225 -5.48 -21.62 15.77
CA VAL D 225 -5.12 -20.24 15.46
C VAL D 225 -5.22 -19.40 16.74
N HIS D 226 -4.16 -18.62 17.06
CA HIS D 226 -4.15 -17.80 18.29
C HIS D 226 -4.00 -16.29 18.02
N MET D 227 -5.06 -15.68 17.48
CA MET D 227 -5.13 -14.22 17.28
C MET D 227 -6.23 -13.66 18.19
N GLN D 228 -6.16 -12.35 18.49
CA GLN D 228 -7.14 -11.71 19.38
C GLN D 228 -8.57 -11.68 18.76
N ALA D 229 -9.59 -12.06 19.57
CA ALA D 229 -11.03 -12.07 19.21
C ALA D 229 -11.72 -10.80 19.68
N ALA D 230 -12.43 -10.12 18.75
CA ALA D 230 -13.18 -8.88 18.97
C ALA D 230 -14.61 -9.15 19.52
N PRO D 231 -15.22 -8.23 20.32
CA PRO D 231 -16.56 -8.53 20.88
C PRO D 231 -17.71 -8.53 19.86
N LYS D 232 -18.55 -9.58 19.96
CA LYS D 232 -19.72 -9.80 19.10
C LYS D 232 -20.75 -8.66 19.15
N GLU D 233 -20.91 -8.03 20.33
CA GLU D 233 -21.84 -6.93 20.59
C GLU D 233 -21.50 -5.73 19.71
N GLU D 234 -20.24 -5.23 19.79
CA GLU D 234 -19.74 -4.09 19.01
C GLU D 234 -19.71 -4.44 17.51
N CYS D 235 -19.37 -5.70 17.17
CA CYS D 235 -19.33 -6.19 15.79
C CYS D 235 -20.69 -6.06 15.13
N ALA D 236 -21.74 -6.47 15.86
CA ALA D 236 -23.11 -6.39 15.43
C ALA D 236 -23.52 -4.95 15.14
N LEU D 237 -23.13 -4.01 16.02
CA LEU D 237 -23.42 -2.58 15.89
C LEU D 237 -22.75 -1.98 14.66
N GLU D 238 -21.46 -2.29 14.48
CA GLU D 238 -20.66 -1.80 13.36
C GLU D 238 -21.26 -2.19 11.98
N ILE D 239 -21.80 -3.42 11.89
CA ILE D 239 -22.47 -3.93 10.69
C ILE D 239 -23.74 -3.13 10.40
N ILE D 240 -24.60 -2.94 11.44
CA ILE D 240 -25.85 -2.16 11.37
C ILE D 240 -25.55 -0.71 10.95
N LYS D 241 -24.52 -0.08 11.57
CA LYS D 241 -24.04 1.28 11.29
C LYS D 241 -23.71 1.46 9.81
N GLY D 242 -22.82 0.60 9.29
CA GLY D 242 -22.41 0.63 7.90
C GLY D 242 -23.57 0.51 6.94
N GLY D 243 -24.53 -0.35 7.31
CA GLY D 243 -25.78 -0.58 6.59
C GLY D 243 -26.65 0.66 6.50
N ALA D 244 -26.87 1.31 7.66
CA ALA D 244 -27.66 2.53 7.81
C ALA D 244 -27.01 3.72 7.09
N LEU D 245 -25.67 3.78 7.18
CA LEU D 245 -24.86 4.82 6.54
C LEU D 245 -24.73 4.65 5.04
N ARG D 246 -25.14 3.48 4.50
CA ARG D 246 -25.08 3.11 3.07
C ARG D 246 -23.62 3.08 2.58
N GLN D 247 -22.73 2.63 3.48
CA GLN D 247 -21.28 2.50 3.32
C GLN D 247 -21.03 1.29 2.43
N GLU D 248 -20.18 1.44 1.40
CA GLU D 248 -19.84 0.36 0.48
C GLU D 248 -19.21 -0.82 1.21
N GLU D 249 -18.32 -0.54 2.18
CA GLU D 249 -17.59 -1.56 2.95
C GLU D 249 -17.39 -1.17 4.43
N VAL D 250 -17.49 -2.15 5.34
CA VAL D 250 -17.25 -1.97 6.77
C VAL D 250 -16.14 -2.93 7.15
N TYR D 251 -15.12 -2.42 7.83
CA TYR D 251 -14.02 -3.23 8.32
C TYR D 251 -14.06 -3.23 9.85
N TYR D 252 -14.10 -4.43 10.46
CA TYR D 252 -14.10 -4.58 11.91
C TYR D 252 -13.20 -5.75 12.37
N ASP D 253 -12.05 -5.40 12.99
CA ASP D 253 -11.06 -6.33 13.54
C ASP D 253 -10.27 -5.73 14.73
N SER D 254 -9.83 -6.59 15.68
CA SER D 254 -9.04 -6.23 16.87
C SER D 254 -7.74 -5.51 16.53
N SER D 255 -6.99 -6.02 15.53
CA SER D 255 -5.70 -5.46 15.11
C SER D 255 -5.90 -4.15 14.37
N ARG D 256 -5.22 -3.09 14.84
CA ARG D 256 -5.25 -1.76 14.23
C ARG D 256 -4.38 -1.74 12.97
N TRP D 257 -3.50 -2.75 12.82
CA TRP D 257 -2.61 -2.92 11.69
C TRP D 257 -3.41 -3.43 10.48
N THR D 258 -4.55 -4.13 10.76
CA THR D 258 -5.47 -4.67 9.76
C THR D 258 -6.14 -3.53 9.03
N THR D 259 -6.88 -2.68 9.78
CA THR D 259 -7.61 -1.50 9.29
C THR D 259 -6.74 -0.63 8.38
N LEU D 260 -5.47 -0.46 8.78
CA LEU D 260 -4.43 0.31 8.11
C LEU D 260 -3.99 -0.28 6.75
N LEU D 261 -4.08 -1.61 6.58
CA LEU D 261 -3.62 -2.28 5.35
C LEU D 261 -4.68 -2.99 4.50
N ILE D 262 -5.84 -3.34 5.08
CA ILE D 262 -6.89 -4.13 4.41
C ILE D 262 -7.48 -3.45 3.17
N ARG D 263 -7.60 -2.13 3.19
CA ARG D 263 -8.19 -1.36 2.09
C ARG D 263 -7.36 -1.47 0.81
N ASN D 264 -8.04 -1.55 -0.34
CA ASN D 264 -7.37 -1.61 -1.65
C ASN D 264 -7.74 -0.37 -2.48
N PRO D 265 -7.01 0.75 -2.28
CA PRO D 265 -7.31 1.98 -3.04
C PRO D 265 -7.01 1.84 -4.53
N CYS D 266 -6.03 0.97 -4.87
CA CYS D 266 -5.65 0.64 -6.26
C CYS D 266 -6.84 0.03 -7.00
N ARG D 267 -7.67 -0.79 -6.29
CA ARG D 267 -8.87 -1.42 -6.84
C ARG D 267 -9.92 -0.35 -7.20
N LYS D 268 -10.18 0.61 -6.30
CA LYS D 268 -11.12 1.71 -6.53
C LYS D 268 -10.73 2.56 -7.74
N ILE D 269 -9.41 2.80 -7.91
CA ILE D 269 -8.82 3.56 -9.02
C ILE D 269 -9.04 2.82 -10.35
N LEU D 270 -8.70 1.53 -10.38
CA LEU D 270 -8.88 0.70 -11.57
C LEU D 270 -10.33 0.62 -12.03
N GLU D 271 -11.27 0.47 -11.06
CA GLU D 271 -12.72 0.44 -11.31
C GLU D 271 -13.20 1.76 -11.91
N GLU D 272 -12.65 2.89 -11.41
CA GLU D 272 -12.95 4.23 -11.89
C GLU D 272 -12.46 4.39 -13.33
N LEU D 273 -11.29 3.83 -13.65
CA LEU D 273 -10.68 3.87 -14.98
C LEU D 273 -11.42 3.03 -16.02
N TYR D 274 -11.99 1.88 -15.59
CA TYR D 274 -12.72 0.97 -16.48
C TYR D 274 -14.18 1.35 -16.71
N SER D 275 -14.78 2.15 -15.80
CA SER D 275 -16.18 2.59 -15.88
C SER D 275 -16.44 3.49 -17.09
N THR D 276 -15.40 4.23 -17.53
CA THR D 276 -15.45 5.16 -18.66
C THR D 276 -15.39 4.46 -20.03
N SER D 277 -15.04 3.15 -20.04
CA SER D 277 -14.90 2.34 -21.26
C SER D 277 -16.18 1.58 -21.67
N TYR D 278 -17.18 1.49 -20.77
CA TYR D 278 -18.43 0.77 -21.00
C TYR D 278 -19.62 1.67 -21.40
N ASN D 279 -20.63 1.07 -22.06
CA ASN D 279 -21.86 1.73 -22.52
C ASN D 279 -23.10 0.93 -22.08
N MET D 280 -23.88 1.50 -21.14
CA MET D 280 -25.10 0.87 -20.59
C MET D 280 -26.39 1.48 -21.14
N ASP D 281 -26.35 2.78 -21.55
CA ASP D 281 -27.49 3.54 -22.09
C ASP D 281 -27.83 3.10 -23.53
#